data_8WQK
#
_entry.id   8WQK
#
_cell.length_a   52.920
_cell.length_b   93.502
_cell.length_c   97.200
_cell.angle_alpha   90.00
_cell.angle_beta   97.37
_cell.angle_gamma   90.00
#
_symmetry.space_group_name_H-M   'P 1 21 1'
#
loop_
_entity.id
_entity.type
_entity.pdbx_description
1 polymer Nucleoprotein
2 water water
#
_entity_poly.entity_id   1
_entity_poly.type   'polypeptide(L)'
_entity_poly.pdbx_seq_one_letter_code
;MRDLKDIPEWRRIPKGENSVAACFGPRGGFKNFGDAEFVEKGVDASGYAQIASLAPNVAALLFGGNVAVRELADSYEITY
NYKMTVPKSDPNVELLVSQVDAFKLEHHHHHHHH
;
_entity_poly.pdbx_strand_id   A,B,C,D,E,F,G,H
#
# COMPACT_ATOMS: atom_id res chain seq x y z
N ARG A 2 -24.10 1.70 -21.09
CA ARG A 2 -24.20 3.15 -20.81
C ARG A 2 -23.00 3.87 -21.44
N ASP A 3 -23.07 5.20 -21.58
CA ASP A 3 -21.99 5.98 -22.23
C ASP A 3 -21.58 7.12 -21.31
N LEU A 4 -20.28 7.42 -21.22
CA LEU A 4 -19.77 8.48 -20.31
C LEU A 4 -20.55 9.78 -20.50
N LYS A 5 -21.00 10.05 -21.72
CA LYS A 5 -21.70 11.32 -22.02
C LYS A 5 -23.09 11.31 -21.39
N ASP A 6 -23.63 10.12 -21.15
CA ASP A 6 -24.95 10.00 -20.51
C ASP A 6 -24.80 10.32 -19.02
N ILE A 7 -23.69 9.91 -18.42
CA ILE A 7 -23.44 10.19 -17.01
C ILE A 7 -22.98 11.64 -16.84
N PRO A 8 -23.71 12.43 -16.05
CA PRO A 8 -23.29 13.80 -15.78
C PRO A 8 -22.04 13.85 -14.92
N GLU A 9 -21.26 14.91 -15.13
CA GLU A 9 -19.93 15.00 -14.54
C GLU A 9 -19.93 14.71 -13.05
N TRP A 10 -20.95 15.20 -12.33
CA TRP A 10 -20.90 15.06 -10.87
C TRP A 10 -21.14 13.64 -10.39
N ARG A 11 -21.39 12.70 -11.31
CA ARG A 11 -21.59 11.32 -10.97
C ARG A 11 -20.52 10.40 -11.54
N ARG A 12 -19.52 10.95 -12.21
CA ARG A 12 -18.47 10.13 -12.79
C ARG A 12 -17.52 9.62 -11.73
N ILE A 13 -16.89 8.47 -12.00
CA ILE A 13 -15.86 7.88 -11.15
C ILE A 13 -14.65 7.49 -12.01
N PRO A 14 -13.51 8.16 -11.88
CA PRO A 14 -12.37 7.90 -12.80
C PRO A 14 -11.61 6.63 -12.42
N LYS A 15 -11.49 5.73 -13.40
CA LYS A 15 -11.03 4.37 -13.17
C LYS A 15 -10.75 3.67 -14.49
N GLY A 16 -9.53 3.25 -14.73
CA GLY A 16 -9.30 2.42 -15.91
C GLY A 16 -9.31 3.24 -17.19
N GLU A 17 -10.09 2.79 -18.18
CA GLU A 17 -10.04 3.45 -19.48
C GLU A 17 -10.63 4.85 -19.39
N ASN A 18 -11.73 5.00 -18.68
CA ASN A 18 -12.37 6.33 -18.51
C ASN A 18 -11.93 6.92 -17.18
N SER A 19 -10.72 7.49 -17.13
CA SER A 19 -10.17 8.03 -15.87
C SER A 19 -10.24 9.57 -15.94
N VAL A 20 -9.47 10.25 -15.12
CA VAL A 20 -9.64 11.71 -14.85
C VAL A 20 -9.67 12.52 -16.15
N ALA A 21 -8.77 12.27 -17.10
CA ALA A 21 -8.83 13.11 -18.28
C ALA A 21 -10.14 12.94 -19.00
N ALA A 22 -10.62 11.71 -19.10
CA ALA A 22 -11.86 11.43 -19.79
C ALA A 22 -13.06 11.91 -18.99
N CYS A 23 -12.96 11.92 -17.66
CA CYS A 23 -14.12 12.35 -16.88
C CYS A 23 -14.17 13.84 -16.66
N PHE A 24 -13.02 14.49 -16.46
CA PHE A 24 -13.01 15.87 -16.00
C PHE A 24 -12.13 16.79 -16.85
N GLY A 25 -11.42 16.29 -17.83
CA GLY A 25 -10.65 17.18 -18.67
C GLY A 25 -9.33 17.48 -18.00
N PRO A 26 -8.51 18.30 -18.65
CA PRO A 26 -7.16 18.55 -18.12
C PRO A 26 -7.18 19.22 -16.76
N ARG A 27 -6.06 19.05 -16.03
CA ARG A 27 -5.86 19.79 -14.79
C ARG A 27 -5.64 21.25 -15.14
N GLY A 28 -6.08 22.13 -14.25
CA GLY A 28 -5.90 23.54 -14.51
C GLY A 28 -6.16 24.34 -13.26
N GLY A 29 -6.19 25.66 -13.43
CA GLY A 29 -6.35 26.53 -12.26
C GLY A 29 -7.52 26.14 -11.38
N PHE A 30 -8.68 25.83 -11.98
CA PHE A 30 -9.82 25.42 -11.17
C PHE A 30 -9.74 23.95 -10.83
N LYS A 31 -9.68 23.08 -11.86
CA LYS A 31 -9.53 21.65 -11.64
C LYS A 31 -8.07 21.36 -11.38
N ASN A 32 -7.65 21.55 -10.13
CA ASN A 32 -6.24 21.67 -9.82
C ASN A 32 -5.66 20.49 -9.06
N PHE A 33 -6.45 19.48 -8.72
CA PHE A 33 -6.01 18.41 -7.83
C PHE A 33 -5.53 17.22 -8.64
N GLY A 34 -4.39 16.67 -8.25
CA GLY A 34 -3.91 15.44 -8.86
C GLY A 34 -2.62 15.60 -9.65
N ASP A 35 -1.65 14.74 -9.37
CA ASP A 35 -0.43 14.70 -10.14
C ASP A 35 -0.57 13.69 -11.28
N ALA A 36 0.53 13.48 -12.01
CA ALA A 36 0.50 12.66 -13.21
C ALA A 36 -0.07 11.27 -12.94
N GLU A 37 0.27 10.68 -11.80
CA GLU A 37 -0.16 9.33 -11.52
C GLU A 37 -1.60 9.24 -11.01
N PHE A 38 -2.12 10.27 -10.34
CA PHE A 38 -3.53 10.24 -9.98
C PHE A 38 -4.39 10.52 -11.20
N VAL A 39 -3.91 11.44 -12.06
CA VAL A 39 -4.64 11.80 -13.27
C VAL A 39 -4.83 10.59 -14.16
N GLU A 40 -3.93 9.62 -14.07
CA GLU A 40 -3.99 8.44 -14.92
C GLU A 40 -4.71 7.26 -14.26
N LYS A 41 -4.55 7.06 -12.96
CA LYS A 41 -5.18 5.90 -12.35
C LYS A 41 -6.48 6.22 -11.61
N GLY A 42 -6.79 7.49 -11.46
CA GLY A 42 -8.05 7.83 -10.84
C GLY A 42 -8.13 7.32 -9.41
N VAL A 43 -9.26 6.69 -9.07
CA VAL A 43 -9.48 6.18 -7.72
C VAL A 43 -8.56 5.01 -7.39
N ASP A 44 -7.85 4.50 -8.38
CA ASP A 44 -6.90 3.42 -8.17
C ASP A 44 -5.50 3.92 -7.78
N ALA A 45 -5.27 5.22 -7.76
CA ALA A 45 -3.93 5.71 -7.48
C ALA A 45 -3.54 5.37 -6.04
N SER A 46 -2.24 5.16 -5.83
CA SER A 46 -1.75 4.90 -4.49
C SER A 46 -2.00 6.13 -3.61
N GLY A 47 -2.80 5.94 -2.56
CA GLY A 47 -3.16 7.00 -1.63
C GLY A 47 -4.58 7.52 -1.76
N TYR A 48 -5.31 7.20 -2.83
CA TYR A 48 -6.63 7.80 -3.03
C TYR A 48 -7.55 7.52 -1.85
N ALA A 49 -7.63 6.25 -1.44
CA ALA A 49 -8.57 5.89 -0.38
C ALA A 49 -8.27 6.67 0.89
N GLN A 50 -7.01 6.96 1.15
CA GLN A 50 -6.70 7.78 2.31
C GLN A 50 -7.19 9.20 2.08
N ILE A 51 -6.91 9.74 0.89
CA ILE A 51 -7.33 11.09 0.55
C ILE A 51 -8.85 11.22 0.62
N ALA A 52 -9.57 10.27 0.02
CA ALA A 52 -11.03 10.36 -0.04
C ALA A 52 -11.68 10.43 1.33
N SER A 53 -10.99 9.98 2.38
CA SER A 53 -11.51 10.11 3.74
C SER A 53 -11.52 11.54 4.23
N LEU A 54 -10.88 12.46 3.51
CA LEU A 54 -10.88 13.86 3.87
C LEU A 54 -11.71 14.69 2.89
N ALA A 55 -12.79 14.10 2.38
CA ALA A 55 -13.68 14.80 1.50
C ALA A 55 -15.08 14.42 1.92
N PRO A 56 -16.01 15.38 1.90
CA PRO A 56 -17.34 15.17 2.48
C PRO A 56 -18.27 14.32 1.64
N ASN A 57 -19.11 13.53 2.32
CA ASN A 57 -20.18 12.81 1.63
C ASN A 57 -21.29 13.78 1.24
N VAL A 58 -22.29 13.26 0.53
CA VAL A 58 -23.31 14.14 -0.01
C VAL A 58 -24.08 14.83 1.11
N ALA A 59 -24.47 14.09 2.16
CA ALA A 59 -25.25 14.72 3.22
C ALA A 59 -24.47 15.85 3.89
N ALA A 60 -23.15 15.70 4.06
CA ALA A 60 -22.32 16.79 4.57
C ALA A 60 -22.16 17.92 3.56
N LEU A 61 -22.14 17.60 2.25
CA LEU A 61 -22.05 18.65 1.24
C LEU A 61 -23.25 19.58 1.29
N LEU A 62 -24.45 19.04 1.45
CA LEU A 62 -25.67 19.83 1.44
C LEU A 62 -25.90 20.53 2.77
N PHE A 63 -25.71 19.81 3.87
CA PHE A 63 -26.04 20.39 5.16
C PHE A 63 -24.86 21.02 5.86
N GLY A 64 -23.64 20.67 5.48
CA GLY A 64 -22.49 21.17 6.22
C GLY A 64 -21.68 22.21 5.47
N GLY A 65 -22.12 22.57 4.28
CA GLY A 65 -21.44 23.60 3.54
C GLY A 65 -22.44 24.53 2.92
N ASN A 66 -22.00 25.39 2.00
CA ASN A 66 -22.89 26.34 1.34
C ASN A 66 -23.30 25.79 -0.01
N VAL A 67 -24.58 25.94 -0.34
CA VAL A 67 -25.13 25.58 -1.63
C VAL A 67 -25.69 26.84 -2.24
N ALA A 68 -25.12 27.24 -3.37
CA ALA A 68 -25.50 28.48 -4.02
C ALA A 68 -26.01 28.16 -5.42
N VAL A 69 -27.00 28.92 -5.87
CA VAL A 69 -27.66 28.68 -7.14
C VAL A 69 -27.69 29.97 -7.95
N ARG A 70 -27.40 29.86 -9.25
CA ARG A 70 -27.61 30.94 -10.20
C ARG A 70 -28.55 30.38 -11.26
N GLU A 71 -29.70 31.03 -11.44
CA GLU A 71 -30.65 30.55 -12.43
C GLU A 71 -30.32 31.11 -13.80
N LEU A 72 -30.30 30.23 -14.78
CA LEU A 72 -30.13 30.62 -16.17
C LEU A 72 -31.44 30.43 -16.92
N ALA A 73 -31.39 30.67 -18.23
CA ALA A 73 -32.59 30.53 -19.03
C ALA A 73 -33.05 29.09 -19.05
N ASP A 74 -32.14 28.17 -19.31
CA ASP A 74 -32.52 26.78 -19.57
C ASP A 74 -31.98 25.84 -18.50
N SER A 75 -31.43 26.37 -17.42
CA SER A 75 -30.70 25.52 -16.49
C SER A 75 -30.52 26.24 -15.17
N TYR A 76 -30.05 25.47 -14.18
CA TYR A 76 -29.57 26.02 -12.91
C TYR A 76 -28.11 25.65 -12.78
N GLU A 77 -27.30 26.59 -12.33
CA GLU A 77 -25.89 26.35 -12.06
C GLU A 77 -25.72 26.33 -10.56
N ILE A 78 -25.34 25.17 -10.01
CA ILE A 78 -25.16 24.98 -8.58
C ILE A 78 -23.67 25.03 -8.27
N THR A 79 -23.31 25.68 -7.17
CA THR A 79 -21.93 25.72 -6.72
C THR A 79 -21.91 25.30 -5.26
N TYR A 80 -21.20 24.23 -4.96
CA TYR A 80 -20.98 23.80 -3.59
C TYR A 80 -19.65 24.35 -3.11
N ASN A 81 -19.64 24.92 -1.92
CA ASN A 81 -18.42 25.47 -1.30
C ASN A 81 -18.40 24.93 0.13
N TYR A 82 -17.57 23.92 0.38
CA TYR A 82 -17.51 23.18 1.64
C TYR A 82 -16.11 23.33 2.24
N LYS A 83 -16.03 24.02 3.37
CA LYS A 83 -14.79 24.18 4.11
C LYS A 83 -14.72 23.19 5.26
N MET A 84 -13.49 22.76 5.60
CA MET A 84 -13.27 21.87 6.73
C MET A 84 -11.82 22.00 7.22
N THR A 85 -11.62 21.67 8.50
CA THR A 85 -10.30 21.73 9.12
C THR A 85 -9.84 20.35 9.55
N VAL A 86 -8.65 19.94 9.11
CA VAL A 86 -8.07 18.66 9.52
C VAL A 86 -6.82 18.94 10.33
N PRO A 87 -6.65 18.33 11.52
CA PRO A 87 -5.42 18.54 12.29
C PRO A 87 -4.23 17.89 11.58
N LYS A 88 -3.07 18.55 11.72
CA LYS A 88 -1.87 18.00 11.11
C LYS A 88 -1.50 16.63 11.65
N SER A 89 -2.01 16.25 12.82
CA SER A 89 -1.81 14.90 13.35
C SER A 89 -2.57 13.84 12.55
N ASP A 90 -3.33 14.22 11.53
CA ASP A 90 -4.10 13.18 10.81
C ASP A 90 -3.14 12.45 9.87
N PRO A 91 -3.18 11.11 9.80
CA PRO A 91 -2.21 10.39 8.99
C PRO A 91 -2.37 10.45 7.50
N ASN A 92 -3.30 11.24 6.99
CA ASN A 92 -3.59 11.23 5.54
C ASN A 92 -3.66 12.65 4.97
N VAL A 93 -3.49 13.68 5.78
CA VAL A 93 -3.70 15.08 5.30
C VAL A 93 -2.68 15.42 4.22
N GLU A 94 -1.41 15.12 4.45
CA GLU A 94 -0.35 15.54 3.52
C GLU A 94 -0.60 14.89 2.15
N LEU A 95 -0.99 13.63 2.15
CA LEU A 95 -1.30 12.94 0.89
C LEU A 95 -2.20 13.83 0.04
N LEU A 96 -3.27 14.37 0.63
CA LEU A 96 -4.13 15.31 -0.10
C LEU A 96 -3.38 16.57 -0.50
N VAL A 97 -2.77 17.24 0.47
CA VAL A 97 -2.17 18.55 0.25
C VAL A 97 -1.14 18.48 -0.88
N SER A 98 -0.27 17.48 -0.83
CA SER A 98 0.78 17.30 -1.83
C SER A 98 0.21 17.08 -3.23
N GLN A 99 -1.07 16.72 -3.35
CA GLN A 99 -1.72 16.57 -4.64
C GLN A 99 -2.36 17.87 -5.14
N VAL A 100 -2.51 18.88 -4.29
CA VAL A 100 -3.10 20.14 -4.72
C VAL A 100 -2.11 20.89 -5.59
N ASP A 101 -2.58 21.33 -6.77
CA ASP A 101 -1.81 22.15 -7.72
C ASP A 101 -0.58 21.41 -8.25
N ALA A 102 -0.64 20.07 -8.28
CA ALA A 102 0.51 19.31 -8.73
C ALA A 102 0.88 19.60 -10.17
N PHE A 103 0.00 20.16 -11.00
CA PHE A 103 0.28 20.21 -12.43
C PHE A 103 1.48 21.12 -12.72
N LYS A 104 2.41 20.57 -13.51
CA LYS A 104 3.79 21.07 -13.75
C LYS A 104 4.36 20.65 -15.12
N LEU B 4 -8.45 -12.92 -0.10
CA LEU B 4 -9.72 -13.38 -0.74
C LEU B 4 -9.97 -14.84 -0.36
N LYS B 5 -8.94 -15.67 -0.41
CA LYS B 5 -9.10 -17.11 -0.11
C LYS B 5 -9.95 -17.32 1.13
N ASP B 6 -9.55 -16.73 2.25
CA ASP B 6 -10.28 -16.88 3.53
C ASP B 6 -11.60 -16.11 3.47
N ILE B 7 -11.54 -14.79 3.22
CA ILE B 7 -12.76 -13.96 3.22
C ILE B 7 -13.93 -14.77 2.64
N PRO B 8 -15.00 -15.02 3.42
CA PRO B 8 -16.16 -15.71 2.90
C PRO B 8 -16.85 -14.86 1.85
N GLU B 9 -17.59 -15.50 0.93
CA GLU B 9 -18.19 -14.76 -0.21
C GLU B 9 -19.16 -13.68 0.27
N TRP B 10 -19.90 -13.94 1.35
CA TRP B 10 -20.92 -12.99 1.85
C TRP B 10 -20.30 -11.75 2.49
N ARG B 12 -17.19 -9.77 1.45
CA ARG B 12 -16.34 -9.64 0.25
C ARG B 12 -16.78 -8.41 -0.57
N ILE B 13 -15.85 -7.50 -0.85
CA ILE B 13 -16.21 -6.22 -1.55
C ILE B 13 -15.53 -6.15 -2.92
N PRO B 14 -16.30 -6.23 -4.02
CA PRO B 14 -15.75 -6.09 -5.35
C PRO B 14 -15.08 -4.75 -5.58
N LYS B 15 -13.76 -4.74 -5.66
CA LYS B 15 -13.02 -3.46 -5.77
C LYS B 15 -11.60 -3.69 -6.27
N GLY B 16 -11.20 -3.00 -7.33
CA GLY B 16 -9.82 -3.07 -7.81
C GLY B 16 -9.52 -4.35 -8.53
N GLU B 17 -8.47 -5.03 -8.11
CA GLU B 17 -8.06 -6.30 -8.76
C GLU B 17 -9.04 -7.40 -8.35
N ASN B 18 -9.43 -7.41 -7.08
CA ASN B 18 -10.43 -8.40 -6.61
C ASN B 18 -11.82 -7.82 -6.84
N SER B 19 -12.38 -8.01 -8.03
CA SER B 19 -13.70 -7.39 -8.35
C SER B 19 -14.80 -8.45 -8.44
N VAL B 20 -15.84 -8.19 -9.21
CA VAL B 20 -17.00 -9.12 -9.28
C VAL B 20 -16.54 -10.49 -9.76
N ALA B 21 -15.77 -10.56 -10.84
CA ALA B 21 -15.43 -11.90 -11.30
C ALA B 21 -14.57 -12.64 -10.27
N ALA B 22 -13.60 -11.97 -9.66
CA ALA B 22 -12.73 -12.68 -8.73
C ALA B 22 -13.47 -13.08 -7.46
N CYS B 23 -14.43 -12.26 -6.99
CA CYS B 23 -15.14 -12.54 -5.75
C CYS B 23 -16.37 -13.42 -5.93
N PHE B 24 -17.14 -13.21 -7.00
CA PHE B 24 -18.47 -13.80 -7.13
C PHE B 24 -18.63 -14.62 -8.39
N GLY B 25 -17.63 -14.65 -9.25
CA GLY B 25 -17.71 -15.47 -10.42
C GLY B 25 -18.40 -14.75 -11.54
N PRO B 26 -18.48 -15.40 -12.68
CA PRO B 26 -19.08 -14.76 -13.86
C PRO B 26 -20.57 -14.50 -13.65
N ARG B 27 -21.11 -13.59 -14.48
CA ARG B 27 -22.55 -13.38 -14.53
C ARG B 27 -23.23 -14.61 -15.13
N GLY B 28 -24.46 -14.86 -14.67
CA GLY B 28 -25.17 -16.01 -15.18
C GLY B 28 -26.62 -15.97 -14.77
N GLY B 29 -27.29 -17.10 -14.98
CA GLY B 29 -28.70 -17.20 -14.63
C GLY B 29 -28.98 -16.86 -13.18
N PHE B 30 -28.19 -17.41 -12.27
CA PHE B 30 -28.46 -17.11 -10.87
C PHE B 30 -27.83 -15.77 -10.45
N LYS B 31 -26.51 -15.68 -10.52
CA LYS B 31 -25.81 -14.42 -10.23
C LYS B 31 -25.94 -13.55 -11.47
N ASN B 32 -27.05 -12.79 -11.54
CA ASN B 32 -27.51 -12.14 -12.76
C ASN B 32 -27.35 -10.63 -12.77
N PHE B 33 -26.78 -10.03 -11.74
CA PHE B 33 -26.72 -8.58 -11.64
C PHE B 33 -25.37 -8.03 -12.12
N GLY B 34 -25.43 -6.95 -12.90
CA GLY B 34 -24.23 -6.21 -13.31
C GLY B 34 -24.00 -6.25 -14.81
N ASP B 35 -23.77 -5.07 -15.39
CA ASP B 35 -23.36 -4.99 -16.79
C ASP B 35 -21.83 -4.99 -16.85
N ALA B 36 -21.30 -4.81 -18.06
CA ALA B 36 -19.85 -4.87 -18.28
C ALA B 36 -19.09 -3.91 -17.40
N GLU B 37 -19.63 -2.71 -17.16
CA GLU B 37 -18.94 -1.75 -16.34
C GLU B 37 -19.03 -2.06 -14.85
N PHE B 38 -20.11 -2.70 -14.39
CA PHE B 38 -20.21 -3.03 -12.98
C PHE B 38 -19.38 -4.25 -12.64
N VAL B 39 -19.31 -5.20 -13.57
CA VAL B 39 -18.48 -6.40 -13.43
C VAL B 39 -17.01 -6.02 -13.35
N GLU B 40 -16.61 -4.92 -13.99
CA GLU B 40 -15.19 -4.57 -13.93
C GLU B 40 -14.88 -3.60 -12.82
N LYS B 41 -15.75 -2.64 -12.55
CA LYS B 41 -15.42 -1.61 -11.59
C LYS B 41 -15.98 -1.90 -10.19
N GLY B 42 -16.83 -2.92 -10.06
CA GLY B 42 -17.30 -3.33 -8.74
C GLY B 42 -18.07 -2.24 -8.03
N VAL B 43 -17.74 -2.04 -6.75
CA VAL B 43 -18.33 -0.97 -5.96
C VAL B 43 -17.86 0.41 -6.41
N ASP B 44 -16.90 0.48 -7.32
CA ASP B 44 -16.44 1.75 -7.88
C ASP B 44 -17.25 2.20 -9.09
N ALA B 45 -18.22 1.41 -9.55
CA ALA B 45 -19.00 1.78 -10.72
C ALA B 45 -19.82 3.03 -10.43
N SER B 46 -20.01 3.86 -11.44
CA SER B 46 -20.84 5.04 -11.27
C SER B 46 -22.27 4.61 -10.98
N GLY B 47 -22.78 5.00 -9.82
CA GLY B 47 -24.13 4.65 -9.44
C GLY B 47 -24.24 3.51 -8.44
N TYR B 48 -23.16 2.76 -8.19
CA TYR B 48 -23.26 1.61 -7.32
C TYR B 48 -23.75 2.01 -5.92
N ALA B 49 -23.15 3.05 -5.33
CA ALA B 49 -23.56 3.44 -3.99
C ALA B 49 -25.05 3.81 -3.95
N GLN B 50 -25.58 4.37 -5.05
CA GLN B 50 -27.01 4.66 -5.13
C GLN B 50 -27.83 3.38 -5.26
N ILE B 51 -27.37 2.45 -6.09
CA ILE B 51 -28.03 1.16 -6.21
C ILE B 51 -28.10 0.50 -4.83
N ALA B 52 -26.96 0.51 -4.12
CA ALA B 52 -26.84 -0.15 -2.83
C ALA B 52 -27.81 0.37 -1.80
N SER B 53 -28.32 1.60 -1.95
CA SER B 53 -29.32 2.14 -1.03
C SER B 53 -30.69 1.51 -1.22
N LEU B 54 -30.90 0.77 -2.32
CA LEU B 54 -32.13 0.04 -2.60
C LEU B 54 -31.95 -1.44 -2.35
N ALA B 55 -31.18 -1.78 -1.30
CA ALA B 55 -30.89 -3.14 -0.88
C ALA B 55 -30.84 -3.19 0.64
N PRO B 56 -31.37 -4.23 1.27
CA PRO B 56 -31.62 -4.18 2.71
C PRO B 56 -30.33 -4.30 3.52
N ASN B 57 -30.33 -3.63 4.67
CA ASN B 57 -29.25 -3.85 5.62
C ASN B 57 -29.43 -5.22 6.28
N VAL B 58 -28.42 -5.61 7.07
CA VAL B 58 -28.40 -6.97 7.60
C VAL B 58 -29.58 -7.23 8.51
N ALA B 59 -29.94 -6.26 9.38
CA ALA B 59 -31.04 -6.50 10.31
C ALA B 59 -32.36 -6.74 9.59
N ALA B 60 -32.63 -5.98 8.51
CA ALA B 60 -33.85 -6.19 7.73
C ALA B 60 -33.82 -7.52 7.00
N LEU B 61 -32.63 -7.94 6.54
CA LEU B 61 -32.48 -9.24 5.89
C LEU B 61 -32.89 -10.36 6.84
N LEU B 62 -32.65 -10.20 8.13
CA LEU B 62 -33.00 -11.24 9.09
C LEU B 62 -34.48 -11.16 9.50
N PHE B 63 -34.93 -9.96 9.84
CA PHE B 63 -36.26 -9.78 10.41
C PHE B 63 -37.32 -9.36 9.41
N GLY B 64 -36.94 -8.87 8.23
CA GLY B 64 -37.91 -8.35 7.28
C GLY B 64 -38.06 -9.19 6.03
N GLY B 65 -37.38 -10.33 5.97
CA GLY B 65 -37.52 -11.25 4.86
C GLY B 65 -37.60 -12.67 5.34
N ASN B 66 -37.48 -13.64 4.44
CA ASN B 66 -37.56 -15.04 4.81
C ASN B 66 -36.16 -15.63 4.89
N VAL B 67 -35.86 -16.27 6.01
CA VAL B 67 -34.54 -16.95 6.17
C VAL B 67 -34.84 -18.45 6.25
N ALA B 68 -34.24 -19.23 5.37
CA ALA B 68 -34.49 -20.68 5.32
C ALA B 68 -33.16 -21.45 5.41
N VAL B 69 -33.16 -22.58 6.11
CA VAL B 69 -31.92 -23.37 6.30
C VAL B 69 -32.12 -24.80 5.81
N ARG B 70 -31.08 -25.41 5.23
CA ARG B 70 -31.11 -26.82 4.77
C ARG B 70 -29.81 -27.45 5.24
N GLU B 71 -29.86 -28.66 5.82
CA GLU B 71 -28.65 -29.25 6.42
C GLU B 71 -27.93 -30.21 5.48
N LEU B 72 -26.61 -30.14 5.46
CA LEU B 72 -25.82 -31.10 4.67
C LEU B 72 -24.84 -31.79 5.64
N ASP B 74 -22.33 -32.06 6.88
CA ASP B 74 -21.06 -31.40 7.28
C ASP B 74 -21.14 -29.90 7.05
N SER B 75 -22.32 -29.38 6.73
CA SER B 75 -22.50 -27.91 6.54
C SER B 75 -23.97 -27.53 6.48
N TYR B 76 -24.26 -26.24 6.68
CA TYR B 76 -25.65 -25.72 6.55
C TYR B 76 -25.58 -24.65 5.46
N GLU B 77 -26.47 -24.75 4.49
CA GLU B 77 -26.50 -23.81 3.38
C GLU B 77 -27.77 -22.97 3.58
N ILE B 78 -27.61 -21.64 3.74
CA ILE B 78 -28.67 -20.72 4.13
C ILE B 78 -29.24 -19.99 2.92
N THR B 79 -30.54 -19.73 2.91
CA THR B 79 -31.16 -18.99 1.81
C THR B 79 -31.92 -17.79 2.33
N TYR B 80 -31.52 -16.60 1.87
CA TYR B 80 -32.22 -15.36 2.12
C TYR B 80 -33.09 -15.01 0.94
N ASN B 81 -34.32 -14.61 1.22
CA ASN B 81 -35.26 -14.17 0.20
C ASN B 81 -35.93 -12.90 0.72
N TYR B 82 -35.50 -11.75 0.19
CA TYR B 82 -35.92 -10.45 0.67
C TYR B 82 -36.70 -9.69 -0.41
N LYS B 83 -37.98 -9.40 -0.15
CA LYS B 83 -38.82 -8.62 -1.04
C LYS B 83 -38.90 -7.16 -0.59
N MET B 84 -38.98 -6.26 -1.56
CA MET B 84 -39.15 -4.84 -1.30
C MET B 84 -39.73 -4.16 -2.52
N THR B 85 -40.44 -3.06 -2.29
CA THR B 85 -41.10 -2.28 -3.30
C THR B 85 -40.49 -0.89 -3.32
N VAL B 86 -39.98 -0.45 -4.46
CA VAL B 86 -39.36 0.87 -4.58
C VAL B 86 -40.23 1.74 -5.46
N PRO B 87 -40.58 2.96 -5.05
CA PRO B 87 -41.42 3.81 -5.90
C PRO B 87 -40.70 4.22 -7.16
N LYS B 88 -41.42 4.29 -8.27
CA LYS B 88 -40.77 4.73 -9.50
C LYS B 88 -40.23 6.14 -9.35
N SER B 89 -40.72 6.87 -8.36
CA SER B 89 -40.21 8.20 -8.08
C SER B 89 -38.78 8.19 -7.56
N ASP B 90 -38.26 7.04 -7.17
CA ASP B 90 -36.89 7.01 -6.69
C ASP B 90 -35.94 7.23 -7.86
N PRO B 91 -34.94 8.11 -7.74
CA PRO B 91 -34.08 8.44 -8.89
C PRO B 91 -33.09 7.34 -9.27
N ASN B 92 -32.93 6.28 -8.47
CA ASN B 92 -31.91 5.26 -8.75
C ASN B 92 -32.49 3.93 -9.21
N VAL B 93 -33.79 3.71 -9.07
CA VAL B 93 -34.36 2.39 -9.32
C VAL B 93 -34.18 1.97 -10.77
N GLU B 94 -34.36 2.89 -11.72
CA GLU B 94 -34.25 2.50 -13.13
C GLU B 94 -32.86 1.97 -13.45
N LEU B 95 -31.82 2.62 -12.92
CA LEU B 95 -30.45 2.12 -13.05
C LEU B 95 -30.34 0.71 -12.53
N LEU B 96 -30.91 0.48 -11.34
CA LEU B 96 -30.89 -0.84 -10.74
C LEU B 96 -31.47 -1.87 -11.69
N VAL B 97 -32.70 -1.63 -12.15
CA VAL B 97 -33.41 -2.58 -13.01
C VAL B 97 -32.62 -2.87 -14.29
N SER B 98 -31.96 -1.86 -14.85
CA SER B 98 -31.22 -2.07 -16.10
C SER B 98 -30.02 -3.01 -15.93
N GLN B 99 -29.51 -3.16 -14.71
CA GLN B 99 -28.38 -4.05 -14.49
C GLN B 99 -28.83 -5.51 -14.35
N VAL B 100 -30.13 -5.72 -14.16
CA VAL B 100 -30.69 -7.06 -14.01
C VAL B 100 -30.64 -7.75 -15.37
N ASP B 101 -30.00 -8.92 -15.42
CA ASP B 101 -29.88 -9.74 -16.64
C ASP B 101 -29.10 -9.04 -17.77
N ALA B 102 -28.21 -8.09 -17.44
CA ALA B 102 -27.58 -7.30 -18.49
C ALA B 102 -26.70 -8.12 -19.40
N PHE B 103 -26.20 -9.25 -18.90
CA PHE B 103 -25.15 -9.99 -19.59
C PHE B 103 -25.63 -10.56 -20.94
N LYS B 104 -24.79 -10.37 -21.97
CA LYS B 104 -25.10 -10.74 -23.37
C LYS B 104 -23.83 -11.04 -24.20
N ASP C 3 6.50 27.32 1.83
CA ASP C 3 6.66 26.27 0.79
C ASP C 3 8.01 26.48 0.11
N LYS C 5 10.16 25.44 2.46
CA LYS C 5 10.00 25.99 3.81
C LYS C 5 9.00 25.12 4.57
N ASP C 6 7.79 25.03 4.03
CA ASP C 6 6.75 24.18 4.66
C ASP C 6 6.68 22.89 3.87
N ILE C 7 7.32 22.85 2.70
CA ILE C 7 7.41 21.57 1.92
C ILE C 7 8.68 20.86 2.37
N PRO C 8 8.63 19.62 2.91
CA PRO C 8 9.84 19.01 3.43
C PRO C 8 10.81 18.67 2.31
N GLU C 9 12.11 18.73 2.65
CA GLU C 9 13.14 18.61 1.63
C GLU C 9 12.93 17.39 0.75
N TRP C 10 12.52 16.29 1.35
CA TRP C 10 12.53 15.08 0.54
C TRP C 10 11.48 15.06 -0.53
N ARG C 11 10.68 16.09 -0.70
CA ARG C 11 9.73 15.97 -1.80
C ARG C 11 9.51 17.30 -2.50
N ARG C 12 10.50 18.19 -2.47
CA ARG C 12 10.49 19.38 -3.28
C ARG C 12 10.75 18.95 -4.72
N ILE C 13 10.39 19.80 -5.67
CA ILE C 13 10.70 19.53 -7.07
C ILE C 13 11.38 20.76 -7.64
N PRO C 14 12.66 20.66 -8.01
CA PRO C 14 13.39 21.84 -8.49
C PRO C 14 12.97 22.14 -9.92
N LYS C 15 12.34 23.30 -10.07
CA LYS C 15 11.80 23.71 -11.37
C LYS C 15 11.45 25.19 -11.21
N GLY C 16 12.09 26.04 -12.02
CA GLY C 16 11.70 27.45 -11.99
C GLY C 16 12.53 28.27 -11.06
N GLU C 17 11.93 29.27 -10.45
CA GLU C 17 12.66 30.21 -9.56
C GLU C 17 13.37 29.44 -8.46
N ASN C 18 12.64 28.51 -7.85
CA ASN C 18 13.20 27.69 -6.73
C ASN C 18 13.60 26.38 -7.37
N SER C 19 14.88 26.26 -7.71
CA SER C 19 15.39 25.04 -8.40
C SER C 19 16.29 24.31 -7.42
N VAL C 20 17.25 23.56 -7.93
CA VAL C 20 18.10 22.69 -7.05
C VAL C 20 18.66 23.50 -5.86
N ALA C 21 19.31 24.62 -6.09
CA ALA C 21 19.96 25.31 -4.97
C ALA C 21 18.92 25.81 -3.96
N ALA C 22 17.77 26.22 -4.46
CA ALA C 22 16.73 26.76 -3.57
C ALA C 22 15.97 25.63 -2.90
N CYS C 23 15.91 24.48 -3.57
CA CYS C 23 15.16 23.33 -3.03
C CYS C 23 16.09 22.48 -2.14
N PHE C 24 17.31 22.21 -2.58
CA PHE C 24 18.19 21.27 -1.82
C PHE C 24 19.50 21.90 -1.39
N GLY C 25 19.80 23.10 -1.85
CA GLY C 25 21.01 23.77 -1.37
C GLY C 25 22.17 23.68 -2.33
N PRO C 26 23.33 24.25 -1.96
CA PRO C 26 24.51 24.16 -2.80
C PRO C 26 25.10 22.78 -2.92
N ARG C 27 25.82 22.52 -3.99
CA ARG C 27 26.41 21.19 -4.24
C ARG C 27 27.66 21.00 -3.38
N GLY C 28 27.91 19.77 -2.97
CA GLY C 28 29.07 19.48 -2.12
C GLY C 28 29.35 18.02 -2.01
N GLY C 29 30.25 17.64 -1.11
CA GLY C 29 30.65 16.24 -0.96
C GLY C 29 29.46 15.32 -0.89
N PHE C 30 28.41 15.72 -0.17
CA PHE C 30 27.23 14.83 0.01
C PHE C 30 26.27 15.08 -1.12
N LYS C 31 25.76 16.30 -1.22
CA LYS C 31 24.91 16.67 -2.37
C LYS C 31 25.86 16.87 -3.54
N ASN C 32 26.31 15.79 -4.16
CA ASN C 32 27.37 15.86 -5.18
C ASN C 32 26.88 15.79 -6.62
N PHE C 33 25.59 15.64 -6.85
CA PHE C 33 25.12 15.42 -8.24
C PHE C 33 24.69 16.72 -8.88
N GLY C 34 25.14 16.96 -10.10
CA GLY C 34 24.62 18.12 -10.83
C GLY C 34 25.64 19.05 -11.42
N ASP C 35 25.44 19.40 -12.69
CA ASP C 35 26.29 20.46 -13.31
C ASP C 35 25.50 21.76 -13.20
N ALA C 36 26.09 22.86 -13.64
CA ALA C 36 25.41 24.16 -13.58
C ALA C 36 24.07 24.09 -14.28
N GLU C 37 23.99 23.38 -15.40
CA GLU C 37 22.74 23.34 -16.18
C GLU C 37 21.67 22.64 -15.35
N PHE C 38 22.05 21.53 -14.72
CA PHE C 38 21.07 20.73 -13.93
C PHE C 38 20.71 21.47 -12.64
N VAL C 39 21.65 22.22 -12.08
CA VAL C 39 21.40 23.02 -10.85
C VAL C 39 20.40 24.13 -11.16
N GLU C 40 20.50 24.75 -12.33
CA GLU C 40 19.62 25.91 -12.60
C GLU C 40 18.55 25.59 -13.65
N LYS C 41 18.14 24.33 -13.74
CA LYS C 41 17.01 23.99 -14.65
C LYS C 41 16.26 22.88 -13.94
N GLY C 42 16.95 22.20 -13.03
CA GLY C 42 16.25 21.20 -12.25
C GLY C 42 15.63 20.16 -13.13
N VAL C 43 14.34 19.92 -12.91
CA VAL C 43 13.60 18.91 -13.64
C VAL C 43 13.46 19.22 -15.13
N ASP C 44 13.65 20.47 -15.54
CA ASP C 44 13.55 20.84 -16.95
C ASP C 44 14.86 20.74 -17.71
N ALA C 45 15.97 20.43 -17.04
CA ALA C 45 17.27 20.40 -17.71
C ALA C 45 17.32 19.27 -18.74
N SER C 46 18.08 19.52 -19.80
CA SER C 46 18.30 18.52 -20.84
C SER C 46 19.12 17.34 -20.31
N GLY C 47 18.54 16.16 -20.40
CA GLY C 47 19.12 14.93 -19.90
C GLY C 47 18.46 14.40 -18.64
N TYR C 48 17.66 15.21 -17.95
CA TYR C 48 17.10 14.78 -16.66
C TYR C 48 16.22 13.54 -16.80
N ALA C 49 15.27 13.56 -17.74
CA ALA C 49 14.32 12.45 -17.83
C ALA C 49 15.03 11.14 -18.12
N GLN C 50 16.15 11.22 -18.84
CA GLN C 50 16.92 10.01 -19.10
C GLN C 50 17.61 9.56 -17.83
N ILE C 51 18.25 10.52 -17.13
CA ILE C 51 18.91 10.25 -15.87
C ILE C 51 17.94 9.66 -14.86
N ALA C 52 16.75 10.25 -14.74
CA ALA C 52 15.76 9.81 -13.76
C ALA C 52 15.32 8.36 -13.99
N SER C 53 15.49 7.82 -15.20
CA SER C 53 15.17 6.41 -15.44
C SER C 53 16.16 5.47 -14.78
N LEU C 54 17.29 5.99 -14.30
CA LEU C 54 18.31 5.24 -13.59
C LEU C 54 18.29 5.59 -12.11
N ALA C 55 17.09 5.77 -11.56
CA ALA C 55 16.91 6.08 -10.17
C ALA C 55 15.69 5.31 -9.68
N PRO C 56 15.73 4.79 -8.45
CA PRO C 56 14.69 3.85 -8.02
C PRO C 56 13.37 4.57 -7.72
N ASN C 57 12.27 3.85 -7.96
CA ASN C 57 11.00 4.36 -7.49
C ASN C 57 10.91 4.13 -5.98
N VAL C 58 9.83 4.64 -5.38
CA VAL C 58 9.68 4.59 -3.92
C VAL C 58 9.56 3.15 -3.42
N ALA C 59 8.79 2.31 -4.11
CA ALA C 59 8.67 0.92 -3.67
C ALA C 59 10.03 0.23 -3.71
N ALA C 60 10.84 0.53 -4.73
CA ALA C 60 12.17 -0.05 -4.83
C ALA C 60 13.10 0.50 -3.74
N LEU C 61 12.97 1.78 -3.39
CA LEU C 61 13.78 2.33 -2.31
C LEU C 61 13.44 1.63 -1.00
N LEU C 62 12.15 1.35 -0.78
CA LEU C 62 11.70 0.81 0.49
C LEU C 62 11.98 -0.69 0.63
N PHE C 63 11.66 -1.48 -0.39
CA PHE C 63 11.80 -2.92 -0.31
C PHE C 63 13.06 -3.45 -0.96
N GLY C 64 13.71 -2.68 -1.82
CA GLY C 64 14.86 -3.14 -2.59
C GLY C 64 16.18 -2.53 -2.19
N GLY C 65 16.22 -1.73 -1.13
CA GLY C 65 17.46 -1.19 -0.60
C GLY C 65 17.42 -1.27 0.90
N ASN C 66 18.37 -0.60 1.57
CA ASN C 66 18.45 -0.63 3.02
C ASN C 66 17.84 0.62 3.59
N VAL C 67 17.07 0.47 4.66
CA VAL C 67 16.47 1.57 5.39
C VAL C 67 16.99 1.51 6.82
N ALA C 68 17.69 2.57 7.24
CA ALA C 68 18.27 2.66 8.57
C ALA C 68 17.72 3.89 9.28
N VAL C 69 17.58 3.78 10.59
CA VAL C 69 16.98 4.82 11.41
C VAL C 69 17.87 5.08 12.61
N ARG C 70 18.07 6.34 12.93
CA ARG C 70 18.71 6.76 14.17
C ARG C 70 17.78 7.72 14.91
N GLU C 71 17.49 7.43 16.19
CA GLU C 71 16.55 8.24 16.97
C GLU C 71 17.22 9.47 17.57
N LEU C 72 16.56 10.62 17.45
CA LEU C 72 16.98 11.82 18.15
C LEU C 72 15.97 12.09 19.25
N ALA C 73 16.18 13.16 20.01
CA ALA C 73 15.24 13.49 21.09
C ALA C 73 13.86 13.79 20.52
N ASP C 74 13.80 14.61 19.47
CA ASP C 74 12.54 15.11 18.93
C ASP C 74 12.22 14.64 17.54
N SER C 75 13.01 13.74 16.96
CA SER C 75 12.83 13.41 15.55
C SER C 75 13.53 12.08 15.27
N TYR C 76 13.27 11.54 14.08
CA TYR C 76 13.99 10.38 13.57
C TYR C 76 14.87 10.78 12.38
N GLU C 77 16.05 10.16 12.28
CA GLU C 77 16.98 10.38 11.17
C GLU C 77 16.83 9.16 10.30
N ILE C 78 16.30 9.31 9.09
CA ILE C 78 16.13 8.17 8.17
C ILE C 78 17.17 8.24 7.07
N THR C 79 17.83 7.10 6.79
CA THR C 79 18.83 7.02 5.73
C THR C 79 18.48 5.88 4.78
N TYR C 80 18.30 6.21 3.51
CA TYR C 80 18.09 5.23 2.46
C TYR C 80 19.42 4.98 1.74
N ASN C 81 19.72 3.70 1.54
CA ASN C 81 20.97 3.27 0.91
C ASN C 81 20.57 2.26 -0.17
N TYR C 82 20.54 2.70 -1.42
CA TYR C 82 20.05 1.87 -2.51
C TYR C 82 21.19 1.70 -3.51
N LYS C 83 21.67 0.45 -3.65
CA LYS C 83 22.61 0.11 -4.71
C LYS C 83 21.87 -0.50 -5.90
N MET C 84 22.40 -0.25 -7.08
CA MET C 84 21.85 -0.88 -8.26
C MET C 84 22.96 -0.98 -9.29
N THR C 85 22.84 -1.97 -10.16
CA THR C 85 23.83 -2.26 -11.17
C THR C 85 23.21 -1.97 -12.54
N VAL C 86 23.86 -1.12 -13.31
CA VAL C 86 23.43 -0.74 -14.64
C VAL C 86 24.49 -1.24 -15.64
N PRO C 87 24.09 -1.97 -16.68
CA PRO C 87 25.08 -2.40 -17.68
C PRO C 87 25.68 -1.20 -18.39
N LYS C 88 26.97 -1.28 -18.74
CA LYS C 88 27.62 -0.18 -19.44
C LYS C 88 26.99 0.08 -20.81
N SER C 89 26.27 -0.89 -21.36
CA SER C 89 25.54 -0.76 -22.62
C SER C 89 24.31 0.13 -22.54
N ASP C 90 23.83 0.46 -21.35
CA ASP C 90 22.61 1.27 -21.26
C ASP C 90 22.87 2.69 -21.77
N PRO C 91 21.95 3.24 -22.57
CA PRO C 91 22.22 4.53 -23.23
C PRO C 91 22.28 5.73 -22.31
N ASN C 92 21.85 5.60 -21.06
CA ASN C 92 21.71 6.75 -20.17
C ASN C 92 22.76 6.82 -19.06
N VAL C 93 23.54 5.75 -18.84
CA VAL C 93 24.45 5.70 -17.70
C VAL C 93 25.53 6.76 -17.82
N GLU C 94 26.08 6.95 -19.03
CA GLU C 94 27.15 7.92 -19.17
C GLU C 94 26.68 9.32 -18.80
N LEU C 95 25.46 9.67 -19.19
CA LEU C 95 24.86 10.93 -18.76
C LEU C 95 24.88 11.07 -17.23
N LEU C 96 24.40 10.04 -16.52
CA LEU C 96 24.40 10.04 -15.05
C LEU C 96 25.81 10.25 -14.50
N VAL C 97 26.76 9.37 -14.86
CA VAL C 97 28.11 9.42 -14.31
C VAL C 97 28.75 10.79 -14.49
N SER C 98 28.45 11.48 -15.60
CA SER C 98 29.02 12.80 -15.83
C SER C 98 28.54 13.82 -14.81
N GLN C 99 27.36 13.61 -14.23
CA GLN C 99 26.84 14.57 -13.27
C GLN C 99 27.33 14.30 -11.86
N VAL C 100 27.87 13.10 -11.61
CA VAL C 100 28.36 12.76 -10.29
C VAL C 100 29.61 13.57 -10.00
N ASP C 101 29.59 14.31 -8.90
CA ASP C 101 30.69 15.14 -8.44
C ASP C 101 31.06 16.23 -9.43
N ALA C 102 30.12 16.64 -10.30
CA ALA C 102 30.43 17.54 -11.41
C ALA C 102 30.97 18.89 -10.96
N PHE C 103 30.70 19.31 -9.74
CA PHE C 103 31.17 20.61 -9.28
C PHE C 103 32.70 20.63 -9.12
N LYS C 104 33.34 21.68 -9.67
CA LYS C 104 34.82 21.83 -9.68
C LYS C 104 35.24 23.31 -9.68
N LEU D 4 -20.59 11.04 18.23
CA LEU D 4 -20.68 12.11 17.21
C LEU D 4 -19.45 13.01 17.33
N LYS D 5 -18.90 13.11 18.54
CA LYS D 5 -17.72 13.98 18.78
C LYS D 5 -16.49 13.28 18.21
N ASP D 6 -16.63 12.00 17.87
CA ASP D 6 -15.51 11.23 17.30
C ASP D 6 -15.86 10.86 15.86
N ILE D 7 -16.78 11.60 15.24
CA ILE D 7 -17.10 11.38 13.80
C ILE D 7 -16.75 12.69 13.10
N PRO D 8 -15.72 12.70 12.23
CA PRO D 8 -15.40 13.90 11.48
C PRO D 8 -16.65 14.47 10.86
N GLU D 9 -16.85 15.78 11.03
CA GLU D 9 -18.07 16.43 10.55
C GLU D 9 -18.38 16.10 9.09
N TRP D 10 -17.35 16.04 8.23
CA TRP D 10 -17.52 15.89 6.79
C TRP D 10 -17.92 14.50 6.36
N ARG D 12 -20.29 12.76 8.61
CA ARG D 12 -21.45 12.45 9.48
C ARG D 12 -22.70 12.25 8.61
N ILE D 13 -23.60 11.35 9.00
CA ILE D 13 -24.88 11.18 8.26
C ILE D 13 -26.04 11.53 9.20
N PRO D 14 -26.79 12.62 8.91
CA PRO D 14 -27.88 13.06 9.76
C PRO D 14 -29.18 12.25 9.69
N LYS D 15 -29.54 11.58 10.79
CA LYS D 15 -30.77 10.74 10.80
C LYS D 15 -31.37 10.76 12.19
N GLY D 16 -32.66 11.08 12.28
CA GLY D 16 -33.38 11.05 13.57
C GLY D 16 -32.68 11.73 14.71
N GLU D 17 -32.23 10.97 15.70
CA GLU D 17 -31.64 11.56 16.93
C GLU D 17 -30.56 12.55 16.56
N ASN D 18 -29.55 12.07 15.84
CA ASN D 18 -28.42 12.95 15.45
C ASN D 18 -28.66 13.49 14.04
N SER D 19 -29.37 14.61 13.92
CA SER D 19 -29.70 15.13 12.58
C SER D 19 -28.91 16.40 12.27
N VAL D 20 -29.39 17.17 11.30
CA VAL D 20 -28.64 18.34 10.81
C VAL D 20 -28.10 19.20 11.95
N ALA D 21 -28.96 19.60 12.88
CA ALA D 21 -28.55 20.55 13.91
C ALA D 21 -27.41 19.99 14.75
N ALA D 22 -27.47 18.70 15.08
CA ALA D 22 -26.43 18.07 15.89
C ALA D 22 -25.13 17.87 15.11
N CYS D 23 -25.22 17.58 13.81
CA CYS D 23 -24.03 17.32 13.01
C CYS D 23 -23.39 18.58 12.47
N PHE D 24 -24.19 19.53 12.02
CA PHE D 24 -23.67 20.65 11.27
C PHE D 24 -24.09 22.01 11.81
N GLY D 25 -24.93 22.05 12.84
CA GLY D 25 -25.33 23.30 13.44
C GLY D 25 -26.53 23.93 12.77
N PRO D 26 -26.92 25.09 13.27
CA PRO D 26 -28.10 25.77 12.72
C PRO D 26 -27.87 26.24 11.29
N ARG D 27 -28.98 26.43 10.58
CA ARG D 27 -28.89 27.05 9.27
C ARG D 27 -28.44 28.49 9.40
N GLY D 28 -27.71 28.97 8.41
CA GLY D 28 -27.25 30.34 8.44
C GLY D 28 -26.76 30.75 7.07
N GLY D 29 -26.16 31.94 7.02
CA GLY D 29 -25.73 32.50 5.75
C GLY D 29 -24.93 31.50 4.95
N PHE D 30 -23.98 30.82 5.61
CA PHE D 30 -23.13 29.85 4.92
C PHE D 30 -23.80 28.48 4.83
N LYS D 31 -24.07 27.83 5.97
CA LYS D 31 -24.80 26.56 5.95
C LYS D 31 -26.28 26.93 5.75
N ASN D 32 -26.63 27.12 4.49
CA ASN D 32 -27.89 27.75 4.11
C ASN D 32 -28.87 26.79 3.49
N PHE D 33 -28.55 25.51 3.44
CA PHE D 33 -29.38 24.56 2.72
C PHE D 33 -30.32 23.82 3.66
N GLY D 34 -31.57 23.70 3.26
CA GLY D 34 -32.50 22.87 4.02
C GLY D 34 -33.64 23.64 4.67
N ASP D 35 -34.88 23.15 4.49
CA ASP D 35 -36.07 23.71 5.13
C ASP D 35 -36.35 23.01 6.46
N ALA D 36 -37.49 23.37 7.08
CA ALA D 36 -37.85 22.87 8.42
C ALA D 36 -37.89 21.35 8.51
N GLU D 37 -38.44 20.69 7.50
CA GLU D 37 -38.47 19.23 7.50
C GLU D 37 -37.14 18.62 7.10
N PHE D 38 -36.30 19.33 6.35
CA PHE D 38 -35.00 18.73 6.09
C PHE D 38 -34.08 18.89 7.29
N VAL D 39 -34.16 20.03 8.00
CA VAL D 39 -33.38 20.21 9.23
C VAL D 39 -33.75 19.19 10.30
N GLU D 40 -34.99 18.69 10.27
CA GLU D 40 -35.44 17.78 11.31
C GLU D 40 -35.34 16.31 10.96
N LYS D 41 -35.60 15.93 9.72
CA LYS D 41 -35.57 14.52 9.38
C LYS D 41 -34.25 14.14 8.75
N GLY D 42 -33.42 15.12 8.40
CA GLY D 42 -32.11 14.85 7.85
C GLY D 42 -32.26 14.07 6.57
N VAL D 43 -31.52 12.96 6.49
CA VAL D 43 -31.56 12.07 5.35
C VAL D 43 -32.89 11.31 5.24
N ASP D 44 -33.73 11.37 6.27
CA ASP D 44 -35.04 10.74 6.24
C ASP D 44 -36.13 11.61 5.60
N ALA D 45 -35.81 12.85 5.21
CA ALA D 45 -36.78 13.79 4.63
C ALA D 45 -37.32 13.30 3.28
N SER D 46 -38.57 13.63 3.01
CA SER D 46 -39.16 13.29 1.72
C SER D 46 -38.43 14.03 0.61
N GLY D 47 -37.88 13.31 -0.36
CA GLY D 47 -37.21 13.95 -1.46
C GLY D 47 -35.71 13.92 -1.40
N TYR D 48 -35.12 13.53 -0.26
CA TYR D 48 -33.67 13.61 -0.09
C TYR D 48 -32.94 12.86 -1.20
N ALA D 49 -33.39 11.65 -1.51
CA ALA D 49 -32.69 10.90 -2.55
C ALA D 49 -32.70 11.67 -3.86
N GLN D 50 -33.76 12.45 -4.12
CA GLN D 50 -33.86 13.26 -5.33
C GLN D 50 -32.88 14.43 -5.31
N ILE D 51 -32.84 15.17 -4.21
CA ILE D 51 -31.84 16.24 -4.11
C ILE D 51 -30.46 15.63 -4.32
N ALA D 52 -30.20 14.52 -3.62
CA ALA D 52 -28.90 13.86 -3.60
C ALA D 52 -28.41 13.45 -4.98
N SER D 53 -29.30 13.26 -5.95
CA SER D 53 -28.86 12.88 -7.29
C SER D 53 -28.18 14.02 -8.02
N LEU D 54 -28.27 15.25 -7.49
CA LEU D 54 -27.68 16.46 -8.04
C LEU D 54 -26.54 17.00 -7.17
N ALA D 55 -25.77 16.11 -6.54
CA ALA D 55 -24.63 16.50 -5.70
C ALA D 55 -23.49 15.53 -5.94
N PRO D 56 -22.24 16.00 -5.99
CA PRO D 56 -21.12 15.17 -6.46
C PRO D 56 -20.58 14.18 -5.44
N ASN D 57 -20.09 13.05 -5.96
CA ASN D 57 -19.34 12.08 -5.17
C ASN D 57 -17.91 12.59 -4.92
N VAL D 58 -17.17 11.86 -4.07
CA VAL D 58 -15.86 12.32 -3.63
C VAL D 58 -14.89 12.38 -4.80
N ALA D 59 -14.90 11.37 -5.66
CA ALA D 59 -13.97 11.37 -6.80
C ALA D 59 -14.25 12.58 -7.69
N ALA D 60 -15.53 12.89 -7.91
CA ALA D 60 -15.90 14.07 -8.67
C ALA D 60 -15.55 15.35 -7.93
N LEU D 61 -15.66 15.33 -6.61
CA LEU D 61 -15.31 16.49 -5.81
C LEU D 61 -13.81 16.82 -5.90
N LEU D 62 -12.97 15.78 -5.86
CA LEU D 62 -11.52 15.96 -5.84
C LEU D 62 -10.99 16.27 -7.23
N PHE D 63 -11.50 15.57 -8.26
CA PHE D 63 -11.01 15.69 -9.62
C PHE D 63 -11.85 16.63 -10.50
N GLY D 64 -13.09 16.93 -10.13
CA GLY D 64 -13.93 17.72 -10.99
C GLY D 64 -14.25 19.11 -10.49
N GLY D 65 -13.67 19.49 -9.36
CA GLY D 65 -13.84 20.82 -8.80
C GLY D 65 -12.52 21.39 -8.33
N ASN D 66 -12.56 22.43 -7.49
CA ASN D 66 -11.36 23.08 -6.96
C ASN D 66 -11.09 22.60 -5.54
N VAL D 67 -9.81 22.32 -5.26
CA VAL D 67 -9.34 21.95 -3.92
C VAL D 67 -8.33 23.00 -3.48
N ALA D 68 -8.61 23.67 -2.35
CA ALA D 68 -7.76 24.72 -1.83
C ALA D 68 -7.31 24.36 -0.43
N VAL D 69 -6.08 24.70 -0.09
CA VAL D 69 -5.54 24.36 1.21
C VAL D 69 -4.91 25.59 1.85
N ARG D 70 -5.22 25.85 3.10
CA ARG D 70 -4.54 26.89 3.85
C ARG D 70 -3.87 26.24 5.06
N GLU D 71 -2.54 26.35 5.12
CA GLU D 71 -1.77 25.73 6.20
C GLU D 71 -1.75 26.63 7.43
N LEU D 72 -2.14 26.08 8.57
CA LEU D 72 -1.98 26.74 9.86
C LEU D 72 -0.91 25.99 10.65
N ALA D 73 -0.70 26.42 11.89
CA ALA D 73 0.41 25.85 12.66
C ALA D 73 0.19 24.35 12.91
N ASP D 74 -1.00 23.99 13.33
CA ASP D 74 -1.30 22.63 13.70
C ASP D 74 -2.41 21.97 12.89
N SER D 75 -2.85 22.58 11.80
CA SER D 75 -3.91 22.00 10.99
C SER D 75 -3.83 22.54 9.58
N TYR D 76 -4.62 21.93 8.70
CA TYR D 76 -4.85 22.48 7.38
C TYR D 76 -6.33 22.82 7.24
N GLU D 77 -6.62 23.93 6.56
CA GLU D 77 -7.99 24.31 6.22
C GLU D 77 -8.20 24.01 4.76
N ILE D 78 -9.07 23.04 4.48
CA ILE D 78 -9.34 22.59 3.11
C ILE D 78 -10.70 23.14 2.66
N THR D 79 -10.76 23.61 1.42
CA THR D 79 -11.99 24.13 0.82
C THR D 79 -12.22 23.48 -0.53
N TYR D 80 -13.38 22.82 -0.68
CA TYR D 80 -13.83 22.25 -1.96
C TYR D 80 -14.78 23.23 -2.62
N ASN D 81 -14.61 23.46 -3.91
CA ASN D 81 -15.47 24.37 -4.67
C ASN D 81 -15.87 23.63 -5.94
N TYR D 82 -17.11 23.13 -5.99
CA TYR D 82 -17.57 22.27 -7.09
C TYR D 82 -18.72 22.96 -7.84
N LYS D 83 -18.47 23.31 -9.10
CA LYS D 83 -19.49 23.91 -9.98
C LYS D 83 -20.14 22.83 -10.85
N MET D 84 -21.43 22.97 -11.08
CA MET D 84 -22.09 22.03 -11.97
C MET D 84 -23.34 22.68 -12.51
N THR D 85 -23.73 22.29 -13.72
CA THR D 85 -24.91 22.84 -14.40
C THR D 85 -25.92 21.74 -14.63
N VAL D 86 -27.14 21.95 -14.14
CA VAL D 86 -28.24 21.00 -14.24
C VAL D 86 -29.28 21.58 -15.19
N PRO D 87 -29.74 20.83 -16.19
CA PRO D 87 -30.81 21.32 -17.07
C PRO D 87 -32.13 21.48 -16.33
N LYS D 88 -32.87 22.54 -16.66
CA LYS D 88 -34.17 22.79 -16.04
C LYS D 88 -35.17 21.68 -16.35
N SER D 89 -34.89 20.87 -17.37
CA SER D 89 -35.67 19.68 -17.70
C SER D 89 -35.51 18.56 -16.67
N ASP D 90 -34.54 18.67 -15.74
CA ASP D 90 -34.38 17.66 -14.71
C ASP D 90 -35.52 17.77 -13.69
N PRO D 91 -36.18 16.67 -13.34
CA PRO D 91 -37.36 16.76 -12.47
C PRO D 91 -37.05 17.16 -11.03
N ASN D 92 -35.78 17.20 -10.66
CA ASN D 92 -35.42 17.41 -9.27
C ASN D 92 -34.79 18.77 -8.98
N VAL D 93 -34.52 19.61 -9.99
CA VAL D 93 -33.77 20.82 -9.72
C VAL D 93 -34.55 21.79 -8.82
N GLU D 94 -35.85 22.04 -9.09
CA GLU D 94 -36.61 22.74 -8.02
C GLU D 94 -36.69 22.04 -6.71
N LEU D 95 -36.80 20.72 -6.69
CA LEU D 95 -36.85 20.10 -5.39
C LEU D 95 -35.65 20.60 -4.58
N LEU D 96 -34.48 20.55 -5.22
CA LEU D 96 -33.23 21.07 -4.67
C LEU D 96 -33.27 22.57 -4.49
N VAL D 97 -33.50 23.31 -5.59
CA VAL D 97 -33.42 24.78 -5.56
C VAL D 97 -34.34 25.36 -4.49
N SER D 98 -35.52 24.79 -4.30
CA SER D 98 -36.43 25.33 -3.30
C SER D 98 -35.86 25.21 -1.89
N GLN D 99 -34.92 24.31 -1.68
CA GLN D 99 -34.33 24.13 -0.37
C GLN D 99 -33.21 25.11 -0.09
N VAL D 100 -32.71 25.79 -1.12
CA VAL D 100 -31.60 26.72 -0.95
C VAL D 100 -32.06 27.95 -0.21
N ASP D 101 -31.33 28.33 0.83
CA ASP D 101 -31.62 29.53 1.61
C ASP D 101 -32.99 29.43 2.27
N ALA D 102 -33.42 28.20 2.55
CA ALA D 102 -34.79 27.99 3.01
C ALA D 102 -35.11 28.72 4.31
N PHE D 103 -34.12 29.05 5.13
CA PHE D 103 -34.41 29.50 6.48
C PHE D 103 -35.22 30.79 6.46
N LYS D 104 -36.22 30.85 7.37
CA LYS D 104 -37.28 31.91 7.41
C LYS D 104 -37.65 32.29 8.83
N ASP E 6 13.24 -9.92 -15.81
CA ASP E 6 12.07 -9.20 -16.38
C ASP E 6 12.40 -7.72 -16.57
N ILE E 7 11.83 -6.84 -15.74
CA ILE E 7 12.08 -5.36 -15.86
C ILE E 7 13.23 -4.99 -14.89
N PRO E 8 13.95 -3.88 -15.11
CA PRO E 8 14.98 -3.46 -14.17
C PRO E 8 14.45 -3.44 -12.74
N GLU E 9 15.26 -3.85 -11.77
CA GLU E 9 14.77 -3.98 -10.39
C GLU E 9 14.36 -2.63 -9.79
N TRP E 10 15.06 -1.55 -10.16
CA TRP E 10 14.77 -0.24 -9.60
C TRP E 10 13.51 0.37 -10.18
N ARG E 11 12.80 -0.31 -11.07
CA ARG E 11 11.56 0.20 -11.62
C ARG E 11 10.38 -0.71 -11.28
N ARG E 12 10.60 -1.74 -10.45
CA ARG E 12 9.54 -2.67 -10.09
C ARG E 12 8.56 -2.10 -9.07
N ILE E 13 7.35 -2.65 -9.09
CA ILE E 13 6.29 -2.22 -8.16
C ILE E 13 5.69 -3.48 -7.53
N PRO E 14 6.01 -3.85 -6.27
CA PRO E 14 5.48 -5.07 -5.68
C PRO E 14 3.98 -5.12 -5.48
N LYS E 15 3.29 -5.94 -6.26
CA LYS E 15 1.81 -6.02 -6.21
C LYS E 15 1.35 -7.43 -6.63
N GLY E 16 0.72 -8.16 -5.71
CA GLY E 16 0.22 -9.51 -6.03
C GLY E 16 1.22 -10.29 -6.88
N ASN E 18 3.39 -11.44 -8.10
CA ASN E 18 4.77 -10.91 -8.15
C ASN E 18 4.93 -9.78 -7.13
N SER E 19 5.25 -10.11 -5.87
CA SER E 19 5.32 -9.06 -4.82
C SER E 19 6.76 -8.83 -4.36
N VAL E 20 6.93 -8.36 -3.13
CA VAL E 20 8.28 -8.04 -2.60
C VAL E 20 9.20 -9.26 -2.82
N ALA E 21 8.87 -10.40 -2.24
CA ALA E 21 9.77 -11.54 -2.39
C ALA E 21 10.14 -11.76 -3.85
N ALA E 22 9.16 -11.67 -4.76
CA ALA E 22 9.45 -11.94 -6.16
C ALA E 22 10.27 -10.84 -6.83
N CYS E 23 10.10 -9.59 -6.41
CA CYS E 23 10.81 -8.48 -7.04
C CYS E 23 12.18 -8.24 -6.45
N PHE E 24 12.33 -8.37 -5.13
CA PHE E 24 13.55 -7.93 -4.48
C PHE E 24 14.23 -9.02 -3.64
N GLY E 25 13.63 -10.20 -3.53
CA GLY E 25 14.24 -11.25 -2.78
C GLY E 25 13.83 -11.18 -1.33
N PRO E 26 14.36 -12.09 -0.52
CA PRO E 26 14.01 -12.13 0.91
C PRO E 26 14.50 -10.90 1.67
N ARG E 27 13.86 -10.66 2.80
CA ARG E 27 14.38 -9.64 3.70
C ARG E 27 15.67 -10.16 4.33
N GLY E 28 16.60 -9.24 4.58
CA GLY E 28 17.86 -9.59 5.18
C GLY E 28 18.57 -8.33 5.66
N GLY E 29 19.84 -8.50 6.03
CA GLY E 29 20.58 -7.40 6.61
C GLY E 29 20.53 -6.12 5.80
N PHE E 30 20.68 -6.22 4.48
CA PHE E 30 20.63 -5.01 3.67
C PHE E 30 19.19 -4.63 3.34
N LYS E 31 18.47 -5.51 2.64
CA LYS E 31 17.07 -5.28 2.33
C LYS E 31 16.25 -5.61 3.58
N ASN E 32 16.18 -4.63 4.49
CA ASN E 32 15.73 -4.90 5.85
C ASN E 32 14.36 -4.35 6.16
N PHE E 33 13.69 -3.74 5.18
CA PHE E 33 12.42 -3.09 5.41
C PHE E 33 11.27 -4.04 5.03
N GLY E 34 10.25 -4.07 5.87
CA GLY E 34 9.05 -4.80 5.57
C GLY E 34 8.81 -5.88 6.59
N ASP E 35 7.55 -5.92 7.04
CA ASP E 35 7.07 -7.00 7.94
C ASP E 35 6.35 -8.01 7.04
N ALA E 36 5.72 -9.03 7.60
CA ALA E 36 5.16 -10.12 6.76
C ALA E 36 4.02 -9.64 5.86
N GLU E 37 3.16 -8.77 6.39
CA GLU E 37 2.06 -8.21 5.57
C GLU E 37 2.63 -7.40 4.41
N PHE E 38 3.58 -6.52 4.68
CA PHE E 38 4.14 -5.64 3.62
C PHE E 38 4.86 -6.47 2.58
N VAL E 39 5.52 -7.56 3.01
CA VAL E 39 6.35 -8.38 2.08
C VAL E 39 5.42 -9.12 1.10
N GLU E 40 4.17 -9.29 1.48
CA GLU E 40 3.17 -10.00 0.64
C GLU E 40 2.23 -9.02 -0.07
N LYS E 41 1.66 -8.07 0.66
CA LYS E 41 0.68 -7.14 0.07
C LYS E 41 1.41 -6.15 -0.84
N GLY E 42 2.64 -5.78 -0.49
CA GLY E 42 3.43 -4.84 -1.29
C GLY E 42 2.89 -3.42 -1.17
N VAL E 43 2.69 -2.79 -2.32
CA VAL E 43 2.16 -1.45 -2.31
C VAL E 43 0.73 -1.39 -1.79
N ASP E 44 0.05 -2.54 -1.64
CA ASP E 44 -1.35 -2.57 -1.25
C ASP E 44 -1.61 -2.59 0.27
N ALA E 45 -0.58 -2.77 1.12
CA ALA E 45 -0.77 -2.90 2.57
C ALA E 45 -1.23 -1.57 3.17
N SER E 46 -2.06 -1.62 4.22
CA SER E 46 -2.34 -0.37 4.93
C SER E 46 -1.07 0.12 5.61
N GLY E 47 -0.82 1.40 5.44
CA GLY E 47 0.35 2.10 5.86
C GLY E 47 1.24 2.44 4.69
N TYR E 48 1.10 1.72 3.57
CA TYR E 48 2.04 1.90 2.48
C TYR E 48 1.98 3.32 1.96
N ALA E 49 0.80 3.79 1.59
CA ALA E 49 0.71 5.13 1.04
C ALA E 49 1.16 6.15 2.07
N GLN E 50 0.90 5.88 3.35
CA GLN E 50 1.34 6.81 4.39
C GLN E 50 2.86 6.77 4.53
N ILE E 51 3.43 5.57 4.58
CA ILE E 51 4.89 5.40 4.61
C ILE E 51 5.52 6.02 3.37
N ALA E 52 4.97 5.71 2.18
CA ALA E 52 5.57 6.13 0.92
C ALA E 52 5.75 7.63 0.83
N SER E 53 5.01 8.37 1.63
CA SER E 53 5.19 9.80 1.71
C SER E 53 6.44 10.21 2.47
N LEU E 54 7.12 9.26 3.13
CA LEU E 54 8.35 9.58 3.86
C LEU E 54 9.61 8.93 3.28
N ALA E 55 9.70 8.75 1.96
CA ALA E 55 10.86 8.21 1.23
C ALA E 55 11.00 9.08 -0.02
N PRO E 56 12.19 9.52 -0.40
CA PRO E 56 12.28 10.66 -1.33
C PRO E 56 11.77 10.36 -2.73
N ASN E 57 11.30 11.42 -3.39
CA ASN E 57 11.05 11.31 -4.82
C ASN E 57 12.39 11.32 -5.57
N VAL E 58 12.33 11.06 -6.88
CA VAL E 58 13.56 10.83 -7.65
C VAL E 58 14.40 12.10 -7.71
N ALA E 59 13.76 13.26 -7.89
CA ALA E 59 14.52 14.51 -7.96
C ALA E 59 15.30 14.74 -6.68
N ALA E 60 14.67 14.44 -5.53
CA ALA E 60 15.35 14.57 -4.24
C ALA E 60 16.47 13.56 -4.10
N LEU E 61 16.30 12.35 -4.64
CA LEU E 61 17.39 11.38 -4.59
C LEU E 61 18.61 11.89 -5.32
N LEU E 62 18.41 12.56 -6.45
CA LEU E 62 19.55 12.98 -7.25
C LEU E 62 20.18 14.24 -6.68
N PHE E 63 19.37 15.24 -6.39
CA PHE E 63 19.91 16.55 -6.02
C PHE E 63 20.02 16.77 -4.52
N GLY E 64 19.34 15.96 -3.70
CA GLY E 64 19.35 16.19 -2.27
C GLY E 64 20.06 15.11 -1.50
N GLY E 65 20.62 14.14 -2.21
CA GLY E 65 21.34 13.10 -1.51
C GLY E 65 22.66 12.87 -2.22
N ASN E 66 23.33 11.79 -1.88
CA ASN E 66 24.62 11.47 -2.48
C ASN E 66 24.44 10.44 -3.58
N VAL E 67 25.18 10.61 -4.68
CA VAL E 67 25.25 9.64 -5.76
C VAL E 67 26.70 9.23 -5.94
N ALA E 68 26.99 7.94 -5.78
CA ALA E 68 28.32 7.40 -5.95
C ALA E 68 28.28 6.33 -7.02
N VAL E 69 29.31 6.31 -7.87
CA VAL E 69 29.34 5.32 -8.98
C VAL E 69 30.60 4.44 -8.84
N ARG E 70 30.45 3.14 -9.04
CA ARG E 70 31.63 2.24 -9.03
C ARG E 70 31.65 1.49 -10.35
N GLU E 71 32.73 1.66 -11.10
CA GLU E 71 32.83 1.02 -12.43
C GLU E 71 33.24 -0.44 -12.27
N LEU E 72 32.54 -1.31 -12.99
CA LEU E 72 32.95 -2.72 -13.01
C LEU E 72 33.39 -2.98 -14.45
N ALA E 73 33.69 -4.22 -14.79
CA ALA E 73 34.20 -4.53 -16.15
C ALA E 73 33.31 -3.85 -17.19
N ASP E 74 32.03 -4.19 -17.17
CA ASP E 74 31.10 -3.68 -18.21
C ASP E 74 29.78 -3.36 -17.52
N SER E 75 29.86 -2.83 -16.31
CA SER E 75 28.65 -2.41 -15.59
C SER E 75 29.01 -1.24 -14.69
N TYR E 76 28.01 -0.48 -14.28
CA TYR E 76 28.25 0.61 -13.32
C TYR E 76 27.34 0.36 -12.18
N GLU E 77 27.87 0.37 -10.97
CA GLU E 77 27.00 0.26 -9.82
C GLU E 77 26.82 1.64 -9.21
N ILE E 78 25.57 2.07 -9.15
CA ILE E 78 25.17 3.36 -8.62
C ILE E 78 24.70 3.12 -7.21
N THR E 79 25.06 4.03 -6.31
CA THR E 79 24.64 4.01 -4.91
C THR E 79 24.03 5.34 -4.55
N TYR E 80 22.78 5.32 -4.12
CA TYR E 80 22.12 6.50 -3.56
C TYR E 80 22.19 6.42 -2.05
N ASN E 81 22.47 7.56 -1.43
CA ASN E 81 22.47 7.64 0.05
C ASN E 81 21.65 8.89 0.42
N TYR E 82 20.36 8.72 0.63
CA TYR E 82 19.48 9.85 0.97
C TYR E 82 19.25 9.82 2.45
N LYS E 83 19.54 10.93 3.11
CA LYS E 83 19.25 11.01 4.55
C LYS E 83 18.23 12.13 4.78
N MET E 84 17.18 11.84 5.54
CA MET E 84 16.15 12.85 5.83
C MET E 84 15.89 12.91 7.35
N THR E 85 15.49 14.06 7.86
CA THR E 85 15.11 14.17 9.29
C THR E 85 13.62 14.40 9.36
N VAL E 86 12.90 13.50 10.02
CA VAL E 86 11.42 13.59 10.12
C VAL E 86 11.04 13.69 11.59
N PRO E 87 10.25 14.71 11.98
CA PRO E 87 9.85 14.90 13.36
C PRO E 87 9.12 13.74 13.98
N LYS E 88 9.37 13.46 15.25
CA LYS E 88 8.62 12.41 15.94
C LYS E 88 7.13 12.74 15.99
N SER E 89 6.79 14.02 15.86
CA SER E 89 5.41 14.47 15.80
C SER E 89 4.73 14.10 14.49
N ASP E 90 5.48 13.63 13.50
CA ASP E 90 4.89 13.25 12.22
C ASP E 90 3.94 12.07 12.43
N PRO E 91 2.75 12.10 11.84
CA PRO E 91 1.74 11.09 12.18
C PRO E 91 2.06 9.72 11.65
N ASN E 92 3.02 9.60 10.75
CA ASN E 92 3.30 8.31 10.14
C ASN E 92 4.68 7.76 10.46
N VAL E 93 5.57 8.56 11.04
CA VAL E 93 6.95 8.12 11.16
C VAL E 93 7.07 6.86 12.03
N GLU E 94 6.29 6.75 13.11
CA GLU E 94 6.35 5.55 13.93
C GLU E 94 6.04 4.30 13.12
N LEU E 95 5.02 4.38 12.26
CA LEU E 95 4.70 3.28 11.35
C LEU E 95 5.91 2.86 10.50
N LEU E 96 6.57 3.85 9.88
CA LEU E 96 7.75 3.57 9.07
C LEU E 96 8.84 2.91 9.92
N VAL E 97 9.21 3.55 11.03
CA VAL E 97 10.28 3.04 11.88
C VAL E 97 9.98 1.61 12.33
N SER E 98 8.70 1.32 12.59
CA SER E 98 8.32 -0.02 13.04
C SER E 98 8.62 -1.10 12.00
N GLN E 99 8.76 -0.72 10.73
CA GLN E 99 9.01 -1.68 9.66
C GLN E 99 10.49 -1.99 9.45
N VAL E 100 11.38 -1.15 9.95
CA VAL E 100 12.80 -1.38 9.79
C VAL E 100 13.19 -2.60 10.61
N ASP E 101 13.90 -3.55 9.96
CA ASP E 101 14.44 -4.77 10.58
C ASP E 101 13.36 -5.70 11.13
N ALA E 102 12.13 -5.62 10.61
CA ALA E 102 11.08 -6.43 11.19
C ALA E 102 11.28 -7.93 11.00
N PHE E 103 12.12 -8.34 10.06
CA PHE E 103 12.21 -9.74 9.63
C PHE E 103 12.65 -10.69 10.76
N LYS E 104 12.07 -11.89 10.72
CA LYS E 104 12.18 -12.92 11.78
C LYS E 104 12.14 -14.32 11.16
N ASP F 6 40.79 -28.97 18.61
CA ASP F 6 41.87 -27.99 18.52
C ASP F 6 41.30 -26.72 17.92
N ILE F 7 40.86 -26.86 16.68
CA ILE F 7 40.39 -25.77 15.84
C ILE F 7 39.05 -25.24 16.33
N PRO F 8 38.87 -23.94 16.46
CA PRO F 8 37.53 -23.42 16.67
C PRO F 8 36.77 -23.71 15.39
N GLU F 9 35.46 -23.90 15.45
CA GLU F 9 34.70 -24.35 14.24
C GLU F 9 35.08 -23.60 12.96
N TRP F 10 35.49 -22.33 13.03
CA TRP F 10 35.67 -21.53 11.79
C TRP F 10 36.94 -21.85 11.01
N ILE F 13 38.55 -28.30 8.87
CA ILE F 13 38.59 -28.75 7.49
C ILE F 13 37.93 -30.11 7.46
N PRO F 14 36.77 -30.27 6.81
CA PRO F 14 36.10 -31.57 6.84
C PRO F 14 36.89 -32.46 5.91
N LYS F 15 37.44 -33.52 6.47
CA LYS F 15 38.60 -34.13 5.83
C LYS F 15 38.75 -35.54 6.38
N GLY F 16 38.13 -36.48 5.69
CA GLY F 16 38.34 -37.85 6.08
C GLY F 16 37.56 -38.21 7.33
N GLU F 17 38.28 -38.26 8.44
CA GLU F 17 37.76 -38.90 9.64
C GLU F 17 36.73 -37.91 10.21
N ASN F 18 37.11 -36.64 10.11
CA ASN F 18 36.23 -35.57 10.64
C ASN F 18 35.51 -34.90 9.48
N SER F 19 34.33 -35.39 9.16
CA SER F 19 33.57 -34.83 8.02
C SER F 19 32.69 -33.68 8.50
N VAL F 20 31.79 -33.24 7.63
CA VAL F 20 30.93 -32.08 7.96
C VAL F 20 30.23 -32.34 9.28
N ALA F 21 29.64 -33.53 9.45
CA ALA F 21 28.85 -33.80 10.67
C ALA F 21 29.73 -33.72 11.91
N ALA F 22 30.99 -34.11 11.80
CA ALA F 22 31.87 -34.15 12.99
C ALA F 22 32.51 -32.79 13.18
N CYS F 23 32.59 -32.05 12.09
CA CYS F 23 33.18 -30.72 12.19
C CYS F 23 32.15 -29.63 12.47
N PHE F 24 30.98 -29.73 11.83
CA PHE F 24 30.03 -28.64 11.77
C PHE F 24 28.62 -29.01 12.23
N GLY F 25 28.37 -30.26 12.60
CA GLY F 25 27.07 -30.65 13.09
C GLY F 25 26.19 -31.10 11.95
N PRO F 26 24.96 -31.48 12.28
CA PRO F 26 24.04 -31.99 11.25
C PRO F 26 23.62 -30.88 10.30
N ARG F 27 23.16 -31.29 9.12
CA ARG F 27 22.52 -30.34 8.22
C ARG F 27 21.20 -29.89 8.81
N GLY F 28 20.84 -28.64 8.56
CA GLY F 28 19.63 -28.10 9.13
C GLY F 28 19.25 -26.78 8.50
N GLY F 29 18.32 -26.09 9.17
CA GLY F 29 17.83 -24.82 8.64
C GLY F 29 18.93 -23.82 8.34
N PHE F 30 19.85 -23.62 9.28
CA PHE F 30 20.91 -22.63 9.05
C PHE F 30 22.05 -23.20 8.22
N LYS F 31 22.72 -24.23 8.72
CA LYS F 31 23.77 -24.90 7.95
C LYS F 31 23.08 -25.81 6.94
N ASN F 32 22.71 -25.24 5.81
CA ASN F 32 21.76 -25.86 4.89
C ASN F 32 22.42 -26.43 3.65
N PHE F 33 23.74 -26.32 3.54
CA PHE F 33 24.43 -26.70 2.32
C PHE F 33 24.99 -28.11 2.47
N GLY F 34 24.79 -28.93 1.44
CA GLY F 34 25.39 -30.28 1.36
C GLY F 34 24.47 -31.49 1.33
N ASP F 35 24.71 -32.34 0.32
CA ASP F 35 24.07 -33.64 0.16
C ASP F 35 24.96 -34.73 0.78
N ALA F 36 24.60 -36.01 0.62
CA ALA F 36 25.37 -37.11 1.21
C ALA F 36 26.82 -37.01 0.75
N GLU F 37 27.03 -37.00 -0.55
CA GLU F 37 28.42 -37.04 -1.08
C GLU F 37 29.29 -35.97 -0.40
N PHE F 38 28.82 -34.74 -0.30
CA PHE F 38 29.70 -33.66 0.25
C PHE F 38 29.69 -33.77 1.77
N VAL F 39 28.53 -34.05 2.34
CA VAL F 39 28.44 -34.13 3.79
C VAL F 39 29.48 -35.07 4.36
N GLU F 40 29.90 -36.09 3.61
CA GLU F 40 31.02 -36.87 4.11
C GLU F 40 32.35 -36.50 3.48
N LYS F 41 32.50 -36.65 2.16
CA LYS F 41 33.86 -36.55 1.65
C LYS F 41 34.49 -35.18 1.86
N GLY F 42 33.72 -34.18 2.29
CA GLY F 42 34.35 -32.94 2.74
C GLY F 42 35.21 -32.33 1.66
N VAL F 43 36.44 -31.95 2.03
CA VAL F 43 37.33 -31.40 1.01
C VAL F 43 37.75 -32.47 0.01
N ASP F 44 37.54 -33.74 0.34
CA ASP F 44 37.85 -34.85 -0.55
C ASP F 44 36.69 -35.19 -1.48
N ALA F 45 35.61 -34.44 -1.40
CA ALA F 45 34.43 -34.83 -2.21
C ALA F 45 34.66 -34.51 -3.68
N SER F 46 33.95 -35.23 -4.54
CA SER F 46 34.00 -34.91 -5.99
C SER F 46 33.16 -33.66 -6.20
N GLY F 47 33.76 -32.62 -6.77
CA GLY F 47 33.03 -31.36 -7.02
C GLY F 47 33.45 -30.27 -6.07
N TYR F 48 34.30 -30.58 -5.09
CA TYR F 48 34.65 -29.56 -4.07
C TYR F 48 35.42 -28.46 -4.76
N ALA F 49 36.46 -28.81 -5.50
CA ALA F 49 37.31 -27.77 -6.12
C ALA F 49 36.45 -26.73 -6.80
N GLN F 50 35.41 -27.19 -7.48
CA GLN F 50 34.53 -26.28 -8.25
C GLN F 50 33.71 -25.44 -7.28
N ILE F 51 32.95 -26.10 -6.42
CA ILE F 51 32.14 -25.37 -5.40
C ILE F 51 33.07 -24.41 -4.63
N ALA F 52 34.30 -24.83 -4.33
CA ALA F 52 35.25 -23.99 -3.60
C ALA F 52 35.65 -22.78 -4.45
N SER F 53 35.55 -22.91 -5.77
CA SER F 53 35.92 -21.81 -6.69
C SER F 53 34.92 -20.68 -6.52
N LEU F 54 33.71 -21.03 -6.08
CA LEU F 54 32.69 -19.97 -6.00
C LEU F 54 32.46 -19.65 -4.53
N ALA F 55 33.52 -19.24 -3.83
CA ALA F 55 33.43 -18.95 -2.39
C ALA F 55 34.48 -17.91 -2.05
N PRO F 56 34.20 -16.98 -1.10
CA PRO F 56 35.13 -15.90 -0.85
C PRO F 56 36.38 -16.22 -0.06
N ASN F 57 37.47 -15.52 -0.37
CA ASN F 57 38.72 -15.68 0.41
C ASN F 57 38.54 -14.87 1.69
N VAL F 58 39.42 -15.06 2.66
CA VAL F 58 39.25 -14.35 3.93
C VAL F 58 39.32 -12.85 3.71
N ALA F 59 40.23 -12.39 2.86
CA ALA F 59 40.33 -10.95 2.62
C ALA F 59 39.04 -10.39 2.03
N ALA F 60 38.39 -11.14 1.14
CA ALA F 60 37.12 -10.69 0.58
C ALA F 60 36.00 -10.71 1.62
N LEU F 61 36.03 -11.65 2.56
CA LEU F 61 35.05 -11.67 3.64
C LEU F 61 35.14 -10.41 4.48
N LEU F 62 36.36 -9.96 4.75
CA LEU F 62 36.55 -8.81 5.63
C LEU F 62 36.29 -7.51 4.90
N PHE F 63 36.85 -7.37 3.70
CA PHE F 63 36.81 -6.09 3.03
C PHE F 63 35.72 -5.97 1.98
N GLY F 64 35.18 -7.09 1.49
CA GLY F 64 34.21 -7.04 0.41
C GLY F 64 32.79 -7.42 0.77
N GLY F 65 32.58 -7.71 2.04
CA GLY F 65 31.24 -8.00 2.53
C GLY F 65 30.99 -7.29 3.84
N ASN F 66 29.91 -7.65 4.53
CA ASN F 66 29.56 -6.98 5.77
C ASN F 66 30.03 -7.77 6.98
N VAL F 67 30.56 -7.05 7.97
CA VAL F 67 30.98 -7.63 9.26
C VAL F 67 30.20 -6.93 10.36
N ALA F 68 29.41 -7.70 11.11
CA ALA F 68 28.64 -7.18 12.23
C ALA F 68 28.98 -7.96 13.49
N VAL F 69 28.97 -7.28 14.64
CA VAL F 69 29.31 -7.90 15.93
C VAL F 69 28.19 -7.67 16.94
N ARG F 70 27.85 -8.73 17.67
CA ARG F 70 26.95 -8.66 18.80
C ARG F 70 27.74 -9.07 20.03
N GLU F 71 27.87 -8.17 20.99
CA GLU F 71 28.66 -8.49 22.16
C GLU F 71 27.81 -9.26 23.14
N LEU F 72 28.36 -10.34 23.65
CA LEU F 72 27.77 -11.13 24.70
C LEU F 72 28.57 -10.86 25.98
N ALA F 73 28.21 -11.57 27.04
CA ALA F 73 28.90 -11.37 28.30
C ALA F 73 30.35 -11.79 28.22
N ASP F 74 30.61 -12.97 27.66
CA ASP F 74 31.95 -13.56 27.68
C ASP F 74 32.52 -13.74 26.28
N SER F 75 31.86 -13.20 25.25
CA SER F 75 32.24 -13.46 23.87
C SER F 75 31.64 -12.37 22.99
N TYR F 76 32.09 -12.36 21.73
CA TYR F 76 31.46 -11.59 20.67
C TYR F 76 30.97 -12.58 19.63
N GLU F 77 29.81 -12.28 19.08
CA GLU F 77 29.23 -13.06 18.01
C GLU F 77 29.49 -12.27 16.73
N ILE F 78 30.24 -12.88 15.82
CA ILE F 78 30.58 -12.21 14.58
C ILE F 78 29.68 -12.78 13.51
N THR F 79 29.13 -11.95 12.66
CA THR F 79 28.39 -12.49 11.55
C THR F 79 28.97 -11.91 10.28
N TYR F 80 29.39 -12.80 9.40
CA TYR F 80 29.84 -12.40 8.08
C TYR F 80 28.68 -12.58 7.12
N ASN F 81 28.41 -11.54 6.34
CA ASN F 81 27.33 -11.51 5.36
C ASN F 81 27.95 -11.07 4.03
N TYR F 82 28.22 -12.04 3.16
CA TYR F 82 28.93 -11.81 1.91
C TYR F 82 28.00 -12.21 0.76
N LYS F 83 27.54 -11.21 0.00
CA LYS F 83 26.77 -11.48 -1.22
C LYS F 83 27.66 -11.30 -2.43
N MET F 84 27.40 -12.11 -3.46
CA MET F 84 28.10 -11.94 -4.72
C MET F 84 27.27 -12.56 -5.83
N THR F 85 27.51 -12.08 -7.05
CA THR F 85 26.80 -12.55 -8.23
C THR F 85 27.78 -13.23 -9.18
N VAL F 86 27.46 -14.48 -9.53
CA VAL F 86 28.31 -15.28 -10.43
C VAL F 86 27.53 -15.53 -11.72
N PRO F 87 28.17 -15.39 -12.89
CA PRO F 87 27.45 -15.61 -14.16
C PRO F 87 27.00 -17.06 -14.32
N LYS F 88 25.83 -17.23 -14.94
CA LYS F 88 25.29 -18.56 -15.23
C LYS F 88 26.16 -19.33 -16.22
N SER F 89 27.01 -18.64 -16.98
CA SER F 89 27.96 -19.29 -17.88
C SER F 89 29.12 -19.96 -17.15
N ASP F 90 29.34 -19.65 -15.87
CA ASP F 90 30.42 -20.29 -15.17
C ASP F 90 30.11 -21.79 -15.00
N PRO F 91 31.09 -22.66 -15.25
CA PRO F 91 30.78 -24.10 -15.31
C PRO F 91 30.40 -24.71 -13.98
N ASN F 92 30.63 -24.01 -12.88
CA ASN F 92 30.48 -24.62 -11.57
C ASN F 92 29.25 -24.17 -10.80
N VAL F 93 28.59 -23.08 -11.22
CA VAL F 93 27.51 -22.51 -10.40
C VAL F 93 26.35 -23.48 -10.27
N GLU F 94 26.02 -24.21 -11.34
CA GLU F 94 24.93 -25.19 -11.25
C GLU F 94 25.22 -26.23 -10.17
N LEU F 95 26.49 -26.67 -10.11
CA LEU F 95 26.95 -27.54 -9.03
C LEU F 95 26.70 -26.92 -7.67
N LEU F 96 27.10 -25.65 -7.49
CA LEU F 96 26.93 -24.94 -6.22
C LEU F 96 25.47 -24.87 -5.79
N VAL F 97 24.64 -24.22 -6.63
CA VAL F 97 23.23 -24.03 -6.27
C VAL F 97 22.57 -25.38 -6.01
N SER F 98 22.97 -26.42 -6.73
CA SER F 98 22.35 -27.73 -6.58
C SER F 98 22.55 -28.29 -5.17
N GLN F 99 23.53 -27.77 -4.44
CA GLN F 99 23.82 -28.25 -3.10
C GLN F 99 22.99 -27.54 -2.02
N VAL F 100 22.40 -26.40 -2.31
CA VAL F 100 21.64 -25.64 -1.32
C VAL F 100 20.37 -26.41 -0.95
N ASP F 101 20.14 -26.58 0.36
CA ASP F 101 18.95 -27.28 0.88
C ASP F 101 18.92 -28.75 0.46
N ALA F 102 20.11 -29.33 0.23
CA ALA F 102 20.18 -30.65 -0.37
C ALA F 102 19.51 -31.74 0.47
N PHE F 103 19.46 -31.57 1.79
CA PHE F 103 18.98 -32.68 2.62
C PHE F 103 17.49 -32.93 2.41
N LYS F 104 17.16 -34.20 2.15
CA LYS F 104 15.79 -34.68 1.88
C LYS F 104 15.71 -36.17 2.21
N ARG G 2 -37.14 8.15 15.53
CA ARG G 2 -38.45 8.76 15.28
C ARG G 2 -39.42 7.81 14.58
N ASP G 3 -39.92 8.29 13.44
CA ASP G 3 -41.13 7.80 12.78
C ASP G 3 -40.79 6.97 11.56
N LEU G 4 -41.39 5.78 11.50
CA LEU G 4 -41.11 4.79 10.47
C LEU G 4 -41.83 5.10 9.15
N LYS G 5 -42.81 5.98 9.16
CA LYS G 5 -43.41 6.30 7.84
C LYS G 5 -42.29 6.87 6.95
N ASP G 6 -41.19 7.32 7.55
CA ASP G 6 -40.12 8.00 6.76
C ASP G 6 -39.01 7.02 6.40
N ILE G 7 -38.79 5.99 7.20
CA ILE G 7 -37.80 4.96 6.91
C ILE G 7 -38.44 3.82 6.11
N PRO G 8 -37.93 3.48 4.91
CA PRO G 8 -38.37 2.25 4.26
C PRO G 8 -37.86 1.03 4.98
N GLU G 9 -38.65 -0.04 4.88
CA GLU G 9 -38.41 -1.25 5.64
C GLU G 9 -36.96 -1.71 5.49
N TRP G 10 -36.38 -1.56 4.30
CA TRP G 10 -35.02 -2.12 4.05
C TRP G 10 -33.89 -1.31 4.69
N ILE G 13 -33.72 -0.31 11.35
CA ILE G 13 -32.87 -1.06 12.33
C ILE G 13 -33.65 -1.28 13.64
N PRO G 14 -34.02 -2.52 14.01
CA PRO G 14 -34.82 -2.78 15.19
C PRO G 14 -34.06 -2.54 16.47
N LYS G 15 -34.55 -1.69 17.37
CA LYS G 15 -33.73 -1.33 18.53
C LYS G 15 -34.64 -0.69 19.57
N GLY G 16 -34.84 -1.34 20.70
CA GLY G 16 -35.61 -0.70 21.77
C GLY G 16 -37.08 -0.59 21.46
N GLU G 17 -37.65 0.61 21.57
CA GLU G 17 -39.11 0.76 21.40
C GLU G 17 -39.52 0.40 19.96
N ASN G 18 -38.87 1.01 18.98
CA ASN G 18 -39.14 0.63 17.57
C ASN G 18 -38.33 -0.63 17.31
N SER G 19 -38.93 -1.80 17.55
CA SER G 19 -38.16 -3.06 17.43
C SER G 19 -38.68 -3.93 16.28
N VAL G 20 -38.52 -5.24 16.40
CA VAL G 20 -38.86 -6.09 15.26
C VAL G 20 -40.31 -5.90 14.86
N ALA G 21 -41.22 -6.01 15.82
CA ALA G 21 -42.64 -5.93 15.48
C ALA G 21 -43.01 -4.59 14.83
N ALA G 22 -42.46 -3.48 15.36
CA ALA G 22 -42.80 -2.17 14.80
C ALA G 22 -42.13 -1.95 13.46
N CYS G 23 -40.95 -2.50 13.25
CA CYS G 23 -40.26 -2.24 12.00
C CYS G 23 -40.73 -3.16 10.89
N PHE G 24 -40.98 -4.44 11.20
CA PHE G 24 -41.17 -5.47 10.19
C PHE G 24 -42.46 -6.28 10.32
N GLY G 25 -43.25 -6.07 11.36
CA GLY G 25 -44.47 -6.80 11.56
C GLY G 25 -44.23 -8.08 12.34
N PRO G 26 -45.31 -8.81 12.63
CA PRO G 26 -45.19 -10.08 13.37
C PRO G 26 -44.48 -11.14 12.56
N ARG G 27 -43.91 -12.11 13.27
CA ARG G 27 -43.32 -13.23 12.55
C ARG G 27 -44.41 -14.04 11.88
N GLY G 28 -44.08 -14.63 10.75
CA GLY G 28 -45.05 -15.39 10.01
C GLY G 28 -44.37 -16.23 8.96
N GLY G 29 -45.21 -16.81 8.09
CA GLY G 29 -44.70 -17.73 7.09
C GLY G 29 -43.50 -17.18 6.37
N PHE G 30 -43.58 -15.91 5.96
CA PHE G 30 -42.50 -15.24 5.23
C PHE G 30 -41.46 -14.61 6.17
N LYS G 31 -41.87 -13.65 6.98
CA LYS G 31 -40.96 -13.03 7.95
C LYS G 31 -40.83 -13.99 9.13
N ASN G 32 -39.97 -14.98 8.97
CA ASN G 32 -40.01 -16.13 9.85
C ASN G 32 -38.85 -16.23 10.82
N PHE G 33 -37.93 -15.27 10.84
CA PHE G 33 -36.72 -15.37 11.65
C PHE G 33 -36.94 -14.64 12.97
N GLY G 34 -36.50 -15.28 14.06
CA GLY G 34 -36.50 -14.65 15.38
C GLY G 34 -37.46 -15.27 16.38
N ASP G 35 -36.90 -15.47 17.58
CA ASP G 35 -37.69 -16.00 18.72
C ASP G 35 -38.14 -14.80 19.55
N ALA G 36 -38.97 -15.05 20.56
CA ALA G 36 -39.53 -13.96 21.38
C ALA G 36 -38.40 -13.04 21.85
N GLU G 37 -37.24 -13.61 22.12
CA GLU G 37 -36.11 -12.80 22.62
C GLU G 37 -35.63 -11.83 21.54
N PHE G 38 -35.48 -12.30 20.30
CA PHE G 38 -34.94 -11.42 19.22
C PHE G 38 -36.03 -10.44 18.79
N VAL G 39 -37.24 -10.94 18.58
CA VAL G 39 -38.37 -10.08 18.26
C VAL G 39 -38.42 -8.91 19.23
N GLU G 40 -37.91 -9.10 20.44
CA GLU G 40 -37.87 -7.92 21.28
C GLU G 40 -36.52 -7.27 21.54
N LYS G 41 -35.37 -7.91 21.53
CA LYS G 41 -34.27 -7.00 21.81
C LYS G 41 -33.66 -6.43 20.52
N GLY G 42 -34.05 -6.97 19.36
CA GLY G 42 -33.64 -6.47 18.06
C GLY G 42 -32.14 -6.57 17.84
N VAL G 43 -31.56 -5.49 17.32
CA VAL G 43 -30.13 -5.50 17.06
C VAL G 43 -29.32 -5.53 18.35
N ASP G 44 -29.97 -5.25 19.48
CA ASP G 44 -29.36 -5.28 20.79
C ASP G 44 -29.45 -6.66 21.43
N ALA G 45 -30.11 -7.62 20.79
CA ALA G 45 -30.33 -8.93 21.40
C ALA G 45 -29.03 -9.68 21.63
N SER G 46 -29.02 -10.49 22.68
CA SER G 46 -27.89 -11.36 22.94
C SER G 46 -27.75 -12.34 21.78
N GLY G 47 -26.60 -12.32 21.11
CA GLY G 47 -26.36 -13.20 19.99
C GLY G 47 -26.45 -12.54 18.63
N TYR G 48 -26.99 -11.33 18.54
CA TYR G 48 -27.25 -10.73 17.23
C TYR G 48 -25.96 -10.63 16.41
N ALA G 49 -24.89 -10.09 17.00
CA ALA G 49 -23.69 -9.85 16.22
C ALA G 49 -23.12 -11.14 15.64
N GLN G 50 -23.28 -12.25 16.37
CA GLN G 50 -22.77 -13.53 15.87
C GLN G 50 -23.56 -13.97 14.65
N ILE G 51 -24.88 -13.87 14.72
CA ILE G 51 -25.73 -14.21 13.59
C ILE G 51 -25.40 -13.29 12.41
N ALA G 52 -25.36 -11.99 12.65
CA ALA G 52 -25.17 -11.03 11.56
C ALA G 52 -23.88 -11.31 10.79
N SER G 53 -22.94 -12.04 11.41
CA SER G 53 -21.72 -12.44 10.75
C SER G 53 -21.96 -13.50 9.68
N LEU G 54 -23.19 -14.01 9.60
CA LEU G 54 -23.52 -15.00 8.56
C LEU G 54 -24.67 -14.47 7.71
N ALA G 55 -24.55 -13.23 7.26
CA ALA G 55 -25.62 -12.58 6.47
C ALA G 55 -24.96 -11.70 5.42
N PRO G 56 -25.29 -11.85 4.13
CA PRO G 56 -24.59 -11.12 3.08
C PRO G 56 -24.49 -9.61 3.22
N ASN G 57 -23.40 -9.05 2.69
CA ASN G 57 -23.28 -7.56 2.67
C ASN G 57 -24.02 -7.09 1.42
N VAL G 58 -24.17 -5.78 1.23
CA VAL G 58 -24.92 -5.37 0.05
C VAL G 58 -24.20 -5.80 -1.23
N ALA G 59 -22.87 -5.64 -1.26
CA ALA G 59 -22.13 -5.98 -2.47
C ALA G 59 -22.31 -7.45 -2.81
N ALA G 60 -22.26 -8.29 -1.80
CA ALA G 60 -22.53 -9.71 -2.00
C ALA G 60 -24.00 -9.92 -2.34
N LEU G 61 -24.88 -9.09 -1.79
CA LEU G 61 -26.30 -9.19 -2.12
C LEU G 61 -26.53 -8.89 -3.59
N LEU G 62 -25.82 -7.88 -4.10
CA LEU G 62 -26.04 -7.44 -5.47
C LEU G 62 -25.31 -8.33 -6.46
N PHE G 63 -24.04 -8.63 -6.21
CA PHE G 63 -23.23 -9.31 -7.21
C PHE G 63 -23.14 -10.81 -7.01
N GLY G 64 -23.42 -11.31 -5.81
CA GLY G 64 -23.24 -12.70 -5.46
C GLY G 64 -24.51 -13.50 -5.24
N GLY G 65 -25.69 -12.90 -5.47
CA GLY G 65 -26.97 -13.58 -5.37
C GLY G 65 -27.84 -13.23 -6.57
N ASN G 66 -29.13 -13.54 -6.51
CA ASN G 66 -30.04 -13.29 -7.61
C ASN G 66 -30.87 -12.05 -7.33
N VAL G 67 -31.03 -11.17 -8.32
CA VAL G 67 -31.86 -9.95 -8.19
C VAL G 67 -32.97 -10.00 -9.25
N ALA G 68 -34.22 -10.07 -8.83
CA ALA G 68 -35.38 -10.12 -9.73
C ALA G 68 -36.22 -8.85 -9.56
N VAL G 69 -36.85 -8.37 -10.63
CA VAL G 69 -37.69 -7.15 -10.56
C VAL G 69 -39.06 -7.39 -11.23
N ARG G 70 -40.15 -6.92 -10.60
CA ARG G 70 -41.49 -6.97 -11.22
C ARG G 70 -42.00 -5.53 -11.29
N GLU G 71 -42.40 -5.08 -12.47
CA GLU G 71 -42.79 -3.66 -12.63
C GLU G 71 -44.26 -3.49 -12.29
N LEU G 72 -44.55 -2.47 -11.48
CA LEU G 72 -45.94 -2.15 -11.16
C LEU G 72 -46.22 -0.75 -11.71
N ALA G 73 -47.43 -0.26 -11.56
CA ALA G 73 -47.81 1.03 -12.12
C ALA G 73 -46.91 2.11 -11.53
N ASP G 74 -46.75 2.09 -10.20
CA ASP G 74 -46.06 3.17 -9.50
C ASP G 74 -44.78 2.73 -8.82
N SER G 75 -44.35 1.50 -9.01
CA SER G 75 -43.22 1.01 -8.25
C SER G 75 -42.60 -0.18 -8.98
N TYR G 76 -41.42 -0.57 -8.51
CA TYR G 76 -40.77 -1.80 -8.89
C TYR G 76 -40.65 -2.67 -7.66
N GLU G 77 -40.90 -3.96 -7.85
CA GLU G 77 -40.75 -4.94 -6.78
C GLU G 77 -39.46 -5.70 -7.00
N ILE G 78 -38.55 -5.56 -6.07
CA ILE G 78 -37.26 -6.20 -6.13
C ILE G 78 -37.24 -7.37 -5.16
N THR G 79 -36.67 -8.48 -5.59
CA THR G 79 -36.55 -9.66 -4.76
C THR G 79 -35.10 -10.12 -4.78
N TYR G 80 -34.48 -10.17 -3.61
CA TYR G 80 -33.13 -10.70 -3.50
C TYR G 80 -33.21 -12.15 -3.03
N ASN G 81 -32.42 -13.03 -3.66
CA ASN G 81 -32.31 -14.46 -3.26
C ASN G 81 -30.83 -14.80 -3.13
N TYR G 82 -30.31 -14.85 -1.91
CA TYR G 82 -28.88 -15.15 -1.65
C TYR G 82 -28.76 -16.51 -1.04
N LYS G 83 -27.94 -17.38 -1.64
CA LYS G 83 -27.65 -18.70 -1.03
C LYS G 83 -26.21 -18.71 -0.53
N MET G 84 -25.98 -19.14 0.72
CA MET G 84 -24.62 -19.22 1.30
C MET G 84 -24.47 -20.55 2.05
N THR G 85 -23.34 -21.24 1.88
CA THR G 85 -23.07 -22.47 2.66
C THR G 85 -22.07 -22.14 3.71
N VAL G 86 -22.37 -22.44 4.98
CA VAL G 86 -21.43 -22.16 6.07
C VAL G 86 -21.02 -23.49 6.69
N PRO G 87 -19.73 -23.76 6.95
CA PRO G 87 -19.40 -25.05 7.57
C PRO G 87 -19.99 -25.10 8.97
N LYS G 88 -20.51 -26.27 9.36
CA LYS G 88 -21.07 -26.40 10.69
C LYS G 88 -20.01 -26.30 11.78
N SER G 89 -18.73 -26.38 11.43
CA SER G 89 -17.65 -26.12 12.37
C SER G 89 -17.63 -24.66 12.84
N ASP G 90 -18.38 -23.78 12.15
CA ASP G 90 -18.49 -22.37 12.53
C ASP G 90 -19.20 -22.25 13.87
N PRO G 91 -18.71 -21.42 14.79
CA PRO G 91 -19.32 -21.37 16.13
C PRO G 91 -20.72 -20.75 16.15
N ASN G 92 -21.10 -20.02 15.10
CA ASN G 92 -22.35 -19.22 15.16
C ASN G 92 -23.51 -19.72 14.29
N VAL G 93 -23.36 -20.82 13.55
CA VAL G 93 -24.42 -21.24 12.59
C VAL G 93 -25.63 -21.82 13.34
N GLU G 94 -25.40 -22.71 14.30
CA GLU G 94 -26.52 -23.36 15.02
C GLU G 94 -27.35 -22.28 15.70
N LEU G 95 -26.70 -21.26 16.28
CA LEU G 95 -27.45 -20.15 16.83
C LEU G 95 -28.47 -19.62 15.81
N LEU G 96 -27.99 -19.31 14.60
CA LEU G 96 -28.85 -18.82 13.51
C LEU G 96 -29.92 -19.83 13.16
N VAL G 97 -29.51 -21.08 12.90
CA VAL G 97 -30.43 -22.14 12.49
C VAL G 97 -31.56 -22.29 13.50
N SER G 98 -31.24 -22.14 14.79
CA SER G 98 -32.24 -22.27 15.84
C SER G 98 -33.32 -21.20 15.73
N GLN G 99 -33.04 -20.10 15.05
CA GLN G 99 -33.99 -19.00 14.93
C GLN G 99 -34.98 -19.13 13.78
N VAL G 100 -34.72 -19.99 12.79
CA VAL G 100 -35.62 -20.13 11.66
C VAL G 100 -36.92 -20.77 12.12
N ASP G 101 -38.05 -20.14 11.80
CA ASP G 101 -39.38 -20.62 12.14
C ASP G 101 -39.59 -20.75 13.65
N ALA G 102 -38.76 -20.03 14.43
CA ALA G 102 -38.76 -20.16 15.87
C ALA G 102 -40.11 -19.79 16.48
N PHE G 103 -40.94 -19.04 15.75
CA PHE G 103 -42.19 -18.57 16.30
C PHE G 103 -43.10 -19.79 16.51
N LYS G 104 -43.32 -20.12 17.78
CA LYS G 104 -44.08 -21.28 18.27
C LYS G 104 -44.64 -20.97 19.66
N ASP H 3 43.59 -6.85 -15.98
CA ASP H 3 43.62 -5.76 -14.97
C ASP H 3 43.04 -6.26 -13.66
N LEU H 4 41.96 -5.64 -13.17
CA LEU H 4 41.34 -6.02 -11.87
C LEU H 4 39.86 -6.32 -12.11
N LYS H 5 39.24 -5.61 -13.05
CA LYS H 5 37.80 -5.79 -13.33
C LYS H 5 37.58 -7.18 -13.93
N ASP H 6 38.64 -7.99 -14.03
CA ASP H 6 38.52 -9.30 -14.62
C ASP H 6 38.50 -10.37 -13.56
N ILE H 7 39.33 -10.21 -12.54
CA ILE H 7 39.32 -11.16 -11.44
C ILE H 7 37.99 -11.01 -10.70
N PRO H 8 37.30 -12.09 -10.38
CA PRO H 8 36.07 -11.94 -9.60
C PRO H 8 36.38 -11.36 -8.23
N GLU H 9 35.48 -10.49 -7.76
CA GLU H 9 35.73 -9.78 -6.51
C GLU H 9 36.03 -10.76 -5.38
N TRP H 10 35.42 -11.95 -5.44
CA TRP H 10 35.55 -12.91 -4.31
C TRP H 10 36.86 -13.68 -4.32
N ARG H 12 39.83 -11.76 -4.98
CA ARG H 12 40.79 -10.65 -5.04
C ARG H 12 41.53 -10.52 -3.71
N ILE H 13 42.73 -9.93 -3.73
CA ILE H 13 43.57 -9.79 -2.51
C ILE H 13 44.12 -8.36 -2.50
N PRO H 14 43.71 -7.53 -1.53
CA PRO H 14 44.10 -6.10 -1.49
C PRO H 14 45.48 -5.94 -0.89
N LYS H 15 46.38 -5.35 -1.68
CA LYS H 15 47.81 -5.62 -1.55
C LYS H 15 48.59 -4.61 -2.38
N GLY H 16 49.34 -3.73 -1.72
CA GLY H 16 50.13 -2.74 -2.45
C GLY H 16 49.21 -1.63 -2.94
N GLU H 17 49.05 -1.42 -4.24
CA GLU H 17 48.06 -0.44 -4.66
C GLU H 17 46.92 -1.10 -5.43
N ASN H 18 46.81 -2.42 -5.33
CA ASN H 18 45.58 -3.07 -5.86
C ASN H 18 44.87 -3.39 -4.55
N SER H 19 44.64 -2.35 -3.75
CA SER H 19 44.12 -2.54 -2.38
C SER H 19 42.60 -2.58 -2.27
N VAL H 20 42.13 -2.39 -1.04
CA VAL H 20 40.67 -2.51 -0.75
C VAL H 20 39.84 -1.60 -1.65
N ALA H 21 40.23 -0.32 -1.74
CA ALA H 21 39.31 0.53 -2.49
C ALA H 21 39.15 0.03 -3.93
N ALA H 22 40.26 -0.33 -4.58
CA ALA H 22 40.19 -0.82 -5.96
C ALA H 22 39.61 -2.22 -6.02
N CYS H 23 39.85 -3.02 -5.00
CA CYS H 23 39.37 -4.38 -5.04
C CYS H 23 37.88 -4.45 -4.71
N PHE H 24 37.44 -3.63 -3.74
CA PHE H 24 36.10 -3.79 -3.18
C PHE H 24 35.28 -2.50 -3.07
N GLY H 25 35.85 -1.34 -3.41
CA GLY H 25 35.14 -0.08 -3.35
C GLY H 25 35.26 0.69 -2.04
N PRO H 26 34.68 1.88 -1.99
CA PRO H 26 34.78 2.71 -0.78
C PRO H 26 34.02 2.06 0.36
N ARG H 27 34.38 2.44 1.58
CA ARG H 27 33.68 1.96 2.76
C ARG H 27 32.26 2.51 2.84
N GLY H 28 31.35 1.69 3.37
CA GLY H 28 29.97 2.12 3.51
C GLY H 28 29.15 1.20 4.40
N GLY H 29 27.84 1.45 4.43
CA GLY H 29 26.95 0.73 5.34
C GLY H 29 27.07 -0.78 5.24
N PHE H 30 27.14 -1.31 4.02
CA PHE H 30 27.32 -2.74 3.88
C PHE H 30 28.80 -3.13 4.01
N LYS H 31 29.65 -2.60 3.12
CA LYS H 31 31.10 -2.82 3.16
C LYS H 31 31.69 -1.91 4.24
N ASN H 32 31.66 -2.38 5.48
CA ASN H 32 31.88 -1.49 6.62
C ASN H 32 33.18 -1.72 7.37
N PHE H 33 33.96 -2.73 7.02
CA PHE H 33 35.10 -3.15 7.83
C PHE H 33 36.40 -2.50 7.39
N GLY H 34 37.16 -2.00 8.36
CA GLY H 34 38.49 -1.52 8.07
C GLY H 34 38.57 -0.02 8.18
N ASP H 35 39.53 0.52 8.93
CA ASP H 35 39.70 1.97 8.98
C ASP H 35 40.70 2.42 7.90
N ALA H 36 41.03 3.73 7.89
CA ALA H 36 41.78 4.31 6.77
C ALA H 36 42.97 3.44 6.42
N GLU H 37 43.60 2.85 7.41
CA GLU H 37 44.65 1.87 7.25
C GLU H 37 44.44 0.55 6.51
N PHE H 38 43.54 -0.32 6.94
CA PHE H 38 43.45 -1.56 6.18
C PHE H 38 42.98 -1.24 4.75
N VAL H 39 42.14 -0.20 4.62
CA VAL H 39 41.67 0.29 3.33
C VAL H 39 42.82 0.71 2.46
N GLU H 40 43.89 1.24 3.07
CA GLU H 40 45.05 1.75 2.37
C GLU H 40 46.19 0.75 2.31
N LYS H 41 46.45 -0.05 3.35
CA LYS H 41 47.63 -0.91 3.37
C LYS H 41 47.29 -2.38 3.06
N GLY H 42 46.00 -2.77 2.98
CA GLY H 42 45.53 -4.09 2.59
C GLY H 42 45.90 -5.29 3.49
N VAL H 43 46.23 -6.43 2.86
CA VAL H 43 46.65 -7.61 3.62
C VAL H 43 48.01 -7.40 4.25
N ASP H 44 48.71 -6.35 3.84
CA ASP H 44 49.99 -6.02 4.42
C ASP H 44 49.88 -5.09 5.61
N ALA H 45 48.69 -4.56 5.90
CA ALA H 45 48.60 -3.67 7.05
C ALA H 45 48.96 -4.48 8.28
N SER H 46 49.61 -3.85 9.27
CA SER H 46 49.89 -4.61 10.50
C SER H 46 48.59 -4.95 11.19
N GLY H 47 48.46 -6.23 11.54
CA GLY H 47 47.29 -6.71 12.24
C GLY H 47 46.43 -7.59 11.39
N TYR H 48 46.64 -7.56 10.07
CA TYR H 48 45.77 -8.32 9.20
C TYR H 48 45.82 -9.79 9.55
N ALA H 49 47.01 -10.34 9.71
CA ALA H 49 47.11 -11.77 9.97
C ALA H 49 46.40 -12.14 11.26
N GLN H 50 46.35 -11.22 12.23
CA GLN H 50 45.70 -11.51 13.50
C GLN H 50 44.19 -11.55 13.32
N ILE H 51 43.64 -10.53 12.66
CA ILE H 51 42.21 -10.49 12.37
C ILE H 51 41.80 -11.71 11.57
N ALA H 52 42.56 -12.01 10.52
CA ALA H 52 42.22 -13.08 9.59
C ALA H 52 42.03 -14.41 10.29
N SER H 53 42.55 -14.57 11.52
CA SER H 53 42.29 -15.79 12.28
C SER H 53 40.86 -15.84 12.79
N LEU H 54 40.12 -14.74 12.73
CA LEU H 54 38.73 -14.68 13.19
C LEU H 54 37.74 -14.52 12.03
N ALA H 55 38.00 -15.16 10.89
CA ALA H 55 37.11 -15.09 9.72
C ALA H 55 37.15 -16.49 9.15
N PRO H 56 36.05 -17.06 8.64
CA PRO H 56 36.03 -18.49 8.27
C PRO H 56 36.80 -18.85 7.00
N ASN H 57 37.38 -20.06 7.00
CA ASN H 57 37.99 -20.59 5.80
C ASN H 57 36.88 -21.05 4.86
N VAL H 58 37.24 -21.45 3.64
CA VAL H 58 36.21 -21.74 2.64
C VAL H 58 35.39 -22.95 3.05
N ALA H 59 36.02 -24.00 3.57
CA ALA H 59 35.27 -25.19 3.96
C ALA H 59 34.26 -24.88 5.05
N ALA H 60 34.63 -23.99 5.99
CA ALA H 60 33.72 -23.59 7.06
C ALA H 60 32.56 -22.72 6.54
N LEU H 61 32.83 -21.85 5.57
CA LEU H 61 31.79 -20.98 5.04
C LEU H 61 30.65 -21.77 4.39
N LEU H 62 30.98 -22.87 3.72
CA LEU H 62 29.98 -23.65 2.99
C LEU H 62 29.22 -24.61 3.90
N PHE H 63 29.96 -25.37 4.71
CA PHE H 63 29.39 -26.45 5.51
C PHE H 63 29.04 -26.02 6.91
N GLY H 64 29.58 -24.91 7.39
CA GLY H 64 29.34 -24.46 8.75
C GLY H 64 28.51 -23.21 8.87
N GLY H 65 28.03 -22.68 7.73
CA GLY H 65 27.17 -21.50 7.68
C GLY H 65 26.00 -21.68 6.72
N ASN H 66 25.32 -20.57 6.37
CA ASN H 66 24.20 -20.61 5.45
C ASN H 66 24.60 -20.16 4.04
N VAL H 67 24.06 -20.86 3.05
CA VAL H 67 24.22 -20.49 1.64
C VAL H 67 22.83 -20.20 1.10
N ALA H 68 22.62 -18.99 0.61
CA ALA H 68 21.33 -18.63 0.02
C ALA H 68 21.56 -18.26 -1.43
N VAL H 69 20.61 -18.63 -2.28
CA VAL H 69 20.71 -18.41 -3.72
C VAL H 69 19.42 -17.76 -4.18
N ARG H 70 19.55 -16.69 -4.96
CA ARG H 70 18.43 -16.02 -5.60
C ARG H 70 18.67 -16.03 -7.10
N GLU H 71 17.72 -16.57 -7.85
CA GLU H 71 17.92 -16.75 -9.28
C GLU H 71 17.68 -15.44 -10.01
N LEU H 72 18.63 -15.05 -10.86
CA LEU H 72 18.49 -13.90 -11.73
C LEU H 72 18.40 -14.32 -13.20
N ALA H 73 18.29 -13.31 -14.07
CA ALA H 73 18.17 -13.59 -15.50
C ALA H 73 19.43 -14.23 -16.06
N ASP H 74 20.60 -13.65 -15.76
CA ASP H 74 21.85 -14.11 -16.36
C ASP H 74 22.85 -14.59 -15.35
N SER H 75 22.48 -14.65 -14.08
CA SER H 75 23.46 -14.89 -13.04
C SER H 75 22.74 -15.44 -11.83
N TYR H 76 23.52 -15.84 -10.85
CA TYR H 76 23.03 -16.20 -9.53
C TYR H 76 23.58 -15.22 -8.50
N GLU H 77 22.75 -14.88 -7.52
CA GLU H 77 23.19 -14.08 -6.39
C GLU H 77 23.36 -15.05 -5.24
N ILE H 78 24.59 -15.24 -4.82
CA ILE H 78 24.90 -16.15 -3.72
C ILE H 78 25.23 -15.29 -2.50
N THR H 79 24.67 -15.68 -1.36
CA THR H 79 24.90 -14.98 -0.12
C THR H 79 25.30 -15.99 0.93
N TYR H 80 26.50 -15.80 1.51
CA TYR H 80 26.99 -16.56 2.64
C TYR H 80 26.75 -15.76 3.91
N ASN H 81 26.21 -16.42 4.94
CA ASN H 81 25.98 -15.80 6.27
C ASN H 81 26.66 -16.69 7.30
N TYR H 82 27.76 -16.22 7.89
CA TYR H 82 28.52 -17.09 8.82
C TYR H 82 28.49 -16.52 10.21
N LYS H 83 27.94 -17.30 11.13
CA LYS H 83 27.92 -16.88 12.55
C LYS H 83 29.08 -17.55 13.28
N MET H 84 29.70 -16.84 14.21
CA MET H 84 30.80 -17.42 15.03
C MET H 84 30.89 -16.64 16.35
N THR H 85 31.18 -17.34 17.45
CA THR H 85 31.33 -16.67 18.75
C THR H 85 32.78 -16.85 19.13
N VAL H 86 33.45 -15.76 19.42
CA VAL H 86 34.86 -15.85 19.77
C VAL H 86 34.99 -15.36 21.21
N PRO H 87 35.76 -16.04 22.07
CA PRO H 87 35.87 -15.60 23.47
C PRO H 87 36.45 -14.20 23.56
N LYS H 88 35.99 -13.45 24.57
CA LYS H 88 36.52 -12.11 24.82
C LYS H 88 37.97 -12.17 25.29
N SER H 89 38.39 -13.34 25.78
CA SER H 89 39.77 -13.59 26.16
C SER H 89 40.72 -13.69 24.96
N ASP H 90 40.20 -13.78 23.73
CA ASP H 90 41.06 -13.85 22.55
C ASP H 90 41.77 -12.52 22.33
N PRO H 91 43.08 -12.53 22.11
CA PRO H 91 43.84 -11.27 21.99
C PRO H 91 43.61 -10.50 20.69
N ASN H 92 42.96 -11.08 19.68
CA ASN H 92 42.80 -10.42 18.39
C ASN H 92 41.40 -9.88 18.20
N VAL H 93 40.48 -10.31 19.07
CA VAL H 93 39.07 -9.95 18.96
C VAL H 93 38.90 -8.46 19.09
N GLU H 94 39.54 -7.84 20.09
CA GLU H 94 39.36 -6.42 20.35
C GLU H 94 39.84 -5.62 19.16
N LEU H 95 40.92 -6.08 18.50
CA LEU H 95 41.34 -5.46 17.24
C LEU H 95 40.23 -5.55 16.19
N LEU H 96 39.70 -6.77 15.97
CA LEU H 96 38.68 -6.97 14.95
C LEU H 96 37.47 -6.11 15.21
N VAL H 97 36.91 -6.21 16.42
CA VAL H 97 35.71 -5.43 16.75
C VAL H 97 35.97 -3.96 16.48
N SER H 98 37.20 -3.50 16.74
CA SER H 98 37.56 -2.11 16.51
C SER H 98 37.45 -1.68 15.06
N GLN H 99 37.49 -2.64 14.11
CA GLN H 99 37.42 -2.33 12.69
C GLN H 99 36.00 -2.22 12.15
N VAL H 100 35.03 -2.75 12.88
CA VAL H 100 33.65 -2.76 12.41
C VAL H 100 33.11 -1.33 12.41
N ASP H 101 32.56 -0.92 11.27
CA ASP H 101 31.93 0.39 11.13
C ASP H 101 32.93 1.53 11.38
N ALA H 102 34.21 1.24 11.16
CA ALA H 102 35.26 2.19 11.52
C ALA H 102 35.20 3.53 10.76
N PHE H 103 34.54 3.58 9.61
CA PHE H 103 34.67 4.76 8.74
C PHE H 103 34.04 6.03 9.32
N LYS H 104 34.80 7.13 9.19
CA LYS H 104 34.49 8.46 9.75
C LYS H 104 35.15 9.57 8.91
#